data_2LG2
# 
_entry.id   2LG2 
# 
_audit_conform.dict_name       mmcif_pdbx.dic 
_audit_conform.dict_version    5.392 
_audit_conform.dict_location   http://mmcif.pdb.org/dictionaries/ascii/mmcif_pdbx.dic 
# 
loop_
_database_2.database_id 
_database_2.database_code 
_database_2.pdbx_database_accession 
_database_2.pdbx_DOI 
PDB   2LG2         pdb_00002lg2 10.2210/pdb2lg2/pdb 
RCSB  RCSB102348   ?            ?                   
BMRB  17790        ?            10.13018/BMR17790   
WWPDB D_1000102348 ?            ?                   
# 
loop_
_pdbx_audit_revision_history.ordinal 
_pdbx_audit_revision_history.data_content_type 
_pdbx_audit_revision_history.major_revision 
_pdbx_audit_revision_history.minor_revision 
_pdbx_audit_revision_history.revision_date 
1 'Structure model' 1 0 2012-08-01 
2 'Structure model' 1 1 2023-06-14 
3 'Structure model' 1 2 2024-05-15 
# 
_pdbx_audit_revision_details.ordinal             1 
_pdbx_audit_revision_details.revision_ordinal    1 
_pdbx_audit_revision_details.data_content_type   'Structure model' 
_pdbx_audit_revision_details.provider            repository 
_pdbx_audit_revision_details.type                'Initial release' 
_pdbx_audit_revision_details.description         ? 
_pdbx_audit_revision_details.details             ? 
# 
loop_
_pdbx_audit_revision_group.ordinal 
_pdbx_audit_revision_group.revision_ordinal 
_pdbx_audit_revision_group.data_content_type 
_pdbx_audit_revision_group.group 
1 2 'Structure model' 'Data collection'      
2 2 'Structure model' 'Database references'  
3 2 'Structure model' 'Derived calculations' 
4 2 'Structure model' Other                  
5 3 'Structure model' 'Data collection'      
6 3 'Structure model' 'Database references'  
# 
loop_
_pdbx_audit_revision_category.ordinal 
_pdbx_audit_revision_category.revision_ordinal 
_pdbx_audit_revision_category.data_content_type 
_pdbx_audit_revision_category.category 
1 2 'Structure model' database_2            
2 2 'Structure model' pdbx_database_status  
3 2 'Structure model' pdbx_nmr_software     
4 2 'Structure model' pdbx_nmr_spectrometer 
5 2 'Structure model' struct_conn           
6 2 'Structure model' struct_site           
7 3 'Structure model' chem_comp_atom        
8 3 'Structure model' chem_comp_bond        
9 3 'Structure model' database_2            
# 
loop_
_pdbx_audit_revision_item.ordinal 
_pdbx_audit_revision_item.revision_ordinal 
_pdbx_audit_revision_item.data_content_type 
_pdbx_audit_revision_item.item 
1  2 'Structure model' '_database_2.pdbx_DOI'                       
2  2 'Structure model' '_database_2.pdbx_database_accession'        
3  2 'Structure model' '_pdbx_database_status.status_code_nmr_data' 
4  2 'Structure model' '_pdbx_nmr_software.name'                    
5  2 'Structure model' '_pdbx_nmr_spectrometer.model'               
6  2 'Structure model' '_struct_conn.pdbx_leaving_atom_flag'        
7  2 'Structure model' '_struct_site.pdbx_auth_asym_id'             
8  2 'Structure model' '_struct_site.pdbx_auth_comp_id'             
9  2 'Structure model' '_struct_site.pdbx_auth_seq_id'              
10 3 'Structure model' '_database_2.pdbx_DOI'                       
# 
_pdbx_database_status.deposit_site                    BMRB 
_pdbx_database_status.entry_id                        2LG2 
_pdbx_database_status.process_site                    RCSB 
_pdbx_database_status.recvd_initial_deposition_date   2011-07-19 
_pdbx_database_status.SG_entry                        ? 
_pdbx_database_status.status_code                     REL 
_pdbx_database_status.status_code_mr                  REL 
_pdbx_database_status.status_code_sf                  ? 
_pdbx_database_status.status_code_cs                  REL 
_pdbx_database_status.methods_development_category    ? 
_pdbx_database_status.pdb_format_compatible           Y 
_pdbx_database_status.status_code_nmr_data            REL 
# 
loop_
_pdbx_database_related.db_id 
_pdbx_database_related.db_name 
_pdbx_database_related.content_type 
_pdbx_database_related.details 
17790 BMRB unspecified . 
2LG3  PDB  unspecified . 
# 
loop_
_audit_author.name 
_audit_author.pdbx_ordinal 
'Huang, H.'    1 
'Wang, H.'     2 
'Kozekova, A.' 3 
'Lloyd, R.S.'  4 
'Rizzo, C.J.'  5 
'Stone, M.P.'  6 
# 
_citation.id                        primary 
_citation.title                     
;Ring-chain tautomerization of trans-4-hydroxynonenal derived (6S,8R,11S) gamma-hydroxy-1,N2-propano-deoxyguanosine adduct when placed opposite 2'-deoxythymidine in duplex
;
_citation.journal_abbrev            'To be Published' 
_citation.journal_volume            ? 
_citation.page_first                ? 
_citation.page_last                 ? 
_citation.year                      ? 
_citation.journal_id_ASTM           ? 
_citation.country                   ? 
_citation.journal_id_ISSN           ? 
_citation.journal_id_CSD            0353 
_citation.book_publisher            ? 
_citation.pdbx_database_id_PubMed   ? 
_citation.pdbx_database_id_DOI      ? 
# 
loop_
_citation_author.citation_id 
_citation_author.name 
_citation_author.ordinal 
_citation_author.identifier_ORCID 
primary 'Huang, H.'    1 ? 
primary 'Wang, H.'     2 ? 
primary 'Kozekova, A.' 3 ? 
primary 'Lloyd, R.S.'  4 ? 
primary 'Rizzo, C.J.'  5 ? 
primary 'Stone, M.P.'  6 ? 
# 
loop_
_entity.id 
_entity.type 
_entity.src_method 
_entity.pdbx_description 
_entity.formula_weight 
_entity.pdbx_number_of_molecules 
_entity.pdbx_ec 
_entity.pdbx_mutation 
_entity.pdbx_fragment 
_entity.details 
1 polymer     syn 
;DNA (5'-D(*GP*CP*TP*AP*GP*CP*GP*AP*GP*TP*CP*C)-3')
;
3663.392 1 ? ? ? ? 
2 polymer     syn 
;DNA (5'-D(*GP*GP*AP*CP*TP*TP*GP*CP*TP*AP*GP*C)-3')
;
3678.403 1 ? ? ? ? 
3 non-polymer syn '(2R,5S)-5-pentyltetrahydrofuran-2-ol'               158.238  1 ? ? ? ? 
# 
loop_
_entity_poly.entity_id 
_entity_poly.type 
_entity_poly.nstd_linkage 
_entity_poly.nstd_monomer 
_entity_poly.pdbx_seq_one_letter_code 
_entity_poly.pdbx_seq_one_letter_code_can 
_entity_poly.pdbx_strand_id 
_entity_poly.pdbx_target_identifier 
1 polydeoxyribonucleotide no no '(DG)(DC)(DT)(DA)(DG)(DC)(DG)(DA)(DG)(DT)(DC)(DC)' GCTAGCGAGTCC A ? 
2 polydeoxyribonucleotide no no '(DG)(DG)(DA)(DC)(DT)(DT)(DG)(DC)(DT)(DA)(DG)(DC)' GGACTTGCTAGC B ? 
# 
_pdbx_entity_nonpoly.entity_id   3 
_pdbx_entity_nonpoly.name        '(2R,5S)-5-pentyltetrahydrofuran-2-ol' 
_pdbx_entity_nonpoly.comp_id     2LE 
# 
loop_
_entity_poly_seq.entity_id 
_entity_poly_seq.num 
_entity_poly_seq.mon_id 
_entity_poly_seq.hetero 
1 1  DG n 
1 2  DC n 
1 3  DT n 
1 4  DA n 
1 5  DG n 
1 6  DC n 
1 7  DG n 
1 8  DA n 
1 9  DG n 
1 10 DT n 
1 11 DC n 
1 12 DC n 
2 1  DG n 
2 2  DG n 
2 3  DA n 
2 4  DC n 
2 5  DT n 
2 6  DT n 
2 7  DG n 
2 8  DC n 
2 9  DT n 
2 10 DA n 
2 11 DG n 
2 12 DC n 
# 
loop_
_chem_comp.id 
_chem_comp.type 
_chem_comp.mon_nstd_flag 
_chem_comp.name 
_chem_comp.pdbx_synonyms 
_chem_comp.formula 
_chem_comp.formula_weight 
2LE non-polymer   . '(2R,5S)-5-pentyltetrahydrofuran-2-ol' ? 'C9 H18 O2'       158.238 
DA  'DNA linking' y "2'-DEOXYADENOSINE-5'-MONOPHOSPHATE"   ? 'C10 H14 N5 O6 P' 331.222 
DC  'DNA linking' y "2'-DEOXYCYTIDINE-5'-MONOPHOSPHATE"    ? 'C9 H14 N3 O7 P'  307.197 
DG  'DNA linking' y "2'-DEOXYGUANOSINE-5'-MONOPHOSPHATE"   ? 'C10 H14 N5 O7 P' 347.221 
DT  'DNA linking' y "THYMIDINE-5'-MONOPHOSPHATE"           ? 'C10 H15 N2 O8 P' 322.208 
# 
loop_
_pdbx_poly_seq_scheme.asym_id 
_pdbx_poly_seq_scheme.entity_id 
_pdbx_poly_seq_scheme.seq_id 
_pdbx_poly_seq_scheme.mon_id 
_pdbx_poly_seq_scheme.ndb_seq_num 
_pdbx_poly_seq_scheme.pdb_seq_num 
_pdbx_poly_seq_scheme.auth_seq_num 
_pdbx_poly_seq_scheme.pdb_mon_id 
_pdbx_poly_seq_scheme.auth_mon_id 
_pdbx_poly_seq_scheme.pdb_strand_id 
_pdbx_poly_seq_scheme.pdb_ins_code 
_pdbx_poly_seq_scheme.hetero 
A 1 1  DG 1  1  1  DG DG A . n 
A 1 2  DC 2  2  2  DC DC A . n 
A 1 3  DT 3  3  3  DT DT A . n 
A 1 4  DA 4  4  4  DA DA A . n 
A 1 5  DG 5  5  5  DG DG A . n 
A 1 6  DC 6  6  6  DC DC A . n 
A 1 7  DG 7  7  7  DG DG A . n 
A 1 8  DA 8  8  8  DA DA A . n 
A 1 9  DG 9  9  9  DG DG A . n 
A 1 10 DT 10 10 10 DT DT A . n 
A 1 11 DC 11 11 11 DC DC A . n 
A 1 12 DC 12 12 12 DC DC A . n 
B 2 1  DG 1  13 13 DG DG B . n 
B 2 2  DG 2  14 14 DG DG B . n 
B 2 3  DA 3  15 15 DA DA B . n 
B 2 4  DC 4  16 16 DC DC B . n 
B 2 5  DT 5  17 17 DT DT B . n 
B 2 6  DT 6  18 18 DT DT B . n 
B 2 7  DG 7  19 19 DG DG B . n 
B 2 8  DC 8  20 20 DC DC B . n 
B 2 9  DT 9  21 21 DT DT B . n 
B 2 10 DA 10 22 22 DA DA B . n 
B 2 11 DG 11 23 23 DG DG B . n 
B 2 12 DC 12 24 24 DC DC B . n 
# 
_pdbx_nonpoly_scheme.asym_id         C 
_pdbx_nonpoly_scheme.entity_id       3 
_pdbx_nonpoly_scheme.mon_id          2LE 
_pdbx_nonpoly_scheme.ndb_seq_num     1 
_pdbx_nonpoly_scheme.pdb_seq_num     25 
_pdbx_nonpoly_scheme.auth_seq_num    25 
_pdbx_nonpoly_scheme.pdb_mon_id      2LE 
_pdbx_nonpoly_scheme.auth_mon_id     HNE 
_pdbx_nonpoly_scheme.pdb_strand_id   A 
_pdbx_nonpoly_scheme.pdb_ins_code    . 
# 
_exptl.absorpt_coefficient_mu     ? 
_exptl.absorpt_correction_T_max   ? 
_exptl.absorpt_correction_T_min   ? 
_exptl.absorpt_correction_type    ? 
_exptl.absorpt_process_details    ? 
_exptl.crystals_number            ? 
_exptl.details                    ? 
_exptl.entry_id                   2LG2 
_exptl.method                     'SOLUTION NMR' 
_exptl.method_details             ? 
# 
_struct.entry_id                  2LG2 
_struct.title                     
'Structure of the duplex containing HNE derived (6S,8R,11S) N2-dG cyclic hemiacetal when placed opposite dT' 
_struct.pdbx_model_details        'closest to the average, model 1' 
_struct.pdbx_CASP_flag            ? 
_struct.pdbx_model_type_details   ? 
# 
_struct_keywords.entry_id        2LG2 
_struct_keywords.pdbx_keywords   DNA 
_struct_keywords.text            'trans-4-hydroxynonenal, N2-dG cyclic hemiacetal, DNA' 
# 
loop_
_struct_asym.id 
_struct_asym.pdbx_blank_PDB_chainid_flag 
_struct_asym.pdbx_modified 
_struct_asym.entity_id 
_struct_asym.details 
A N N 1 ? 
B N N 2 ? 
C N N 3 ? 
# 
loop_
_struct_ref.id 
_struct_ref.db_name 
_struct_ref.db_code 
_struct_ref.pdbx_db_accession 
_struct_ref.entity_id 
_struct_ref.pdbx_align_begin 
_struct_ref.pdbx_seq_one_letter_code 
_struct_ref.pdbx_db_isoform 
1 PDB 2LG2 2LG2 1 ? ? ? 
2 PDB 2LG2 2LG2 2 ? ? ? 
# 
loop_
_struct_ref_seq.align_id 
_struct_ref_seq.ref_id 
_struct_ref_seq.pdbx_PDB_id_code 
_struct_ref_seq.pdbx_strand_id 
_struct_ref_seq.seq_align_beg 
_struct_ref_seq.pdbx_seq_align_beg_ins_code 
_struct_ref_seq.seq_align_end 
_struct_ref_seq.pdbx_seq_align_end_ins_code 
_struct_ref_seq.pdbx_db_accession 
_struct_ref_seq.db_align_beg 
_struct_ref_seq.pdbx_db_align_beg_ins_code 
_struct_ref_seq.db_align_end 
_struct_ref_seq.pdbx_db_align_end_ins_code 
_struct_ref_seq.pdbx_auth_seq_align_beg 
_struct_ref_seq.pdbx_auth_seq_align_end 
1 1 2LG2 A 1 ? 12 ? 2LG2 1  ? 12 ? 1  12 
2 2 2LG2 B 1 ? 12 ? 2LG2 13 ? 24 ? 13 24 
# 
_pdbx_struct_assembly.id                   1 
_pdbx_struct_assembly.details              author_defined_assembly 
_pdbx_struct_assembly.method_details       ? 
_pdbx_struct_assembly.oligomeric_details   dimeric 
_pdbx_struct_assembly.oligomeric_count     2 
# 
_pdbx_struct_assembly_gen.assembly_id       1 
_pdbx_struct_assembly_gen.oper_expression   1 
_pdbx_struct_assembly_gen.asym_id_list      A,B,C 
# 
_pdbx_struct_oper_list.id                   1 
_pdbx_struct_oper_list.type                 'identity operation' 
_pdbx_struct_oper_list.name                 1_555 
_pdbx_struct_oper_list.symmetry_operation   x,y,z 
_pdbx_struct_oper_list.matrix[1][1]         1.0000000000 
_pdbx_struct_oper_list.matrix[1][2]         0.0000000000 
_pdbx_struct_oper_list.matrix[1][3]         0.0000000000 
_pdbx_struct_oper_list.vector[1]            0.0000000000 
_pdbx_struct_oper_list.matrix[2][1]         0.0000000000 
_pdbx_struct_oper_list.matrix[2][2]         1.0000000000 
_pdbx_struct_oper_list.matrix[2][3]         0.0000000000 
_pdbx_struct_oper_list.vector[2]            0.0000000000 
_pdbx_struct_oper_list.matrix[3][1]         0.0000000000 
_pdbx_struct_oper_list.matrix[3][2]         0.0000000000 
_pdbx_struct_oper_list.matrix[3][3]         1.0000000000 
_pdbx_struct_oper_list.vector[3]            0.0000000000 
# 
_struct_biol.id        1 
_struct_biol.details   ? 
# 
loop_
_struct_conn.id 
_struct_conn.conn_type_id 
_struct_conn.pdbx_leaving_atom_flag 
_struct_conn.pdbx_PDB_id 
_struct_conn.ptnr1_label_asym_id 
_struct_conn.ptnr1_label_comp_id 
_struct_conn.ptnr1_label_seq_id 
_struct_conn.ptnr1_label_atom_id 
_struct_conn.pdbx_ptnr1_label_alt_id 
_struct_conn.pdbx_ptnr1_PDB_ins_code 
_struct_conn.pdbx_ptnr1_standard_comp_id 
_struct_conn.ptnr1_symmetry 
_struct_conn.ptnr2_label_asym_id 
_struct_conn.ptnr2_label_comp_id 
_struct_conn.ptnr2_label_seq_id 
_struct_conn.ptnr2_label_atom_id 
_struct_conn.pdbx_ptnr2_label_alt_id 
_struct_conn.pdbx_ptnr2_PDB_ins_code 
_struct_conn.ptnr1_auth_asym_id 
_struct_conn.ptnr1_auth_comp_id 
_struct_conn.ptnr1_auth_seq_id 
_struct_conn.ptnr2_auth_asym_id 
_struct_conn.ptnr2_auth_comp_id 
_struct_conn.ptnr2_auth_seq_id 
_struct_conn.ptnr2_symmetry 
_struct_conn.pdbx_ptnr3_label_atom_id 
_struct_conn.pdbx_ptnr3_label_seq_id 
_struct_conn.pdbx_ptnr3_label_comp_id 
_struct_conn.pdbx_ptnr3_label_asym_id 
_struct_conn.pdbx_ptnr3_label_alt_id 
_struct_conn.pdbx_ptnr3_PDB_ins_code 
_struct_conn.details 
_struct_conn.pdbx_dist_value 
_struct_conn.pdbx_value_order 
_struct_conn.pdbx_role 
covale1  covale none ? A DG 7  N2 ? ? ? 1_555 C 2LE .  C3 ? ? A DG 7  A 2LE 25 1_555 ? ? ? ? ? ? ?            1.472 ? ? 
hydrog1  hydrog ?    ? A DG 1  N1 ? ? ? 1_555 B DC  12 N3 ? ? A DG 1  B DC  24 1_555 ? ? ? ? ? ? WATSON-CRICK ?     ? ? 
hydrog2  hydrog ?    ? A DG 1  N2 ? ? ? 1_555 B DC  12 O2 ? ? A DG 1  B DC  24 1_555 ? ? ? ? ? ? WATSON-CRICK ?     ? ? 
hydrog3  hydrog ?    ? A DG 1  O6 ? ? ? 1_555 B DC  12 N4 ? ? A DG 1  B DC  24 1_555 ? ? ? ? ? ? WATSON-CRICK ?     ? ? 
hydrog4  hydrog ?    ? A DC 2  N3 ? ? ? 1_555 B DG  11 N1 ? ? A DC 2  B DG  23 1_555 ? ? ? ? ? ? WATSON-CRICK ?     ? ? 
hydrog5  hydrog ?    ? A DC 2  N4 ? ? ? 1_555 B DG  11 O6 ? ? A DC 2  B DG  23 1_555 ? ? ? ? ? ? WATSON-CRICK ?     ? ? 
hydrog6  hydrog ?    ? A DC 2  O2 ? ? ? 1_555 B DG  11 N2 ? ? A DC 2  B DG  23 1_555 ? ? ? ? ? ? WATSON-CRICK ?     ? ? 
hydrog7  hydrog ?    ? A DT 3  N3 ? ? ? 1_555 B DA  10 N1 ? ? A DT 3  B DA  22 1_555 ? ? ? ? ? ? WATSON-CRICK ?     ? ? 
hydrog8  hydrog ?    ? A DT 3  O4 ? ? ? 1_555 B DA  10 N6 ? ? A DT 3  B DA  22 1_555 ? ? ? ? ? ? WATSON-CRICK ?     ? ? 
hydrog9  hydrog ?    ? A DA 4  N1 ? ? ? 1_555 B DT  9  N3 ? ? A DA 4  B DT  21 1_555 ? ? ? ? ? ? WATSON-CRICK ?     ? ? 
hydrog10 hydrog ?    ? A DA 4  N6 ? ? ? 1_555 B DT  9  O4 ? ? A DA 4  B DT  21 1_555 ? ? ? ? ? ? WATSON-CRICK ?     ? ? 
hydrog11 hydrog ?    ? A DG 5  N1 ? ? ? 1_555 B DC  8  N3 ? ? A DG 5  B DC  20 1_555 ? ? ? ? ? ? WATSON-CRICK ?     ? ? 
hydrog12 hydrog ?    ? A DG 5  N2 ? ? ? 1_555 B DC  8  O2 ? ? A DG 5  B DC  20 1_555 ? ? ? ? ? ? WATSON-CRICK ?     ? ? 
hydrog13 hydrog ?    ? A DG 5  O6 ? ? ? 1_555 B DC  8  N4 ? ? A DG 5  B DC  20 1_555 ? ? ? ? ? ? WATSON-CRICK ?     ? ? 
hydrog14 hydrog ?    ? A DC 6  N3 ? ? ? 1_555 B DG  7  N1 ? ? A DC 6  B DG  19 1_555 ? ? ? ? ? ? WATSON-CRICK ?     ? ? 
hydrog15 hydrog ?    ? A DC 6  N4 ? ? ? 1_555 B DG  7  O6 ? ? A DC 6  B DG  19 1_555 ? ? ? ? ? ? WATSON-CRICK ?     ? ? 
hydrog16 hydrog ?    ? A DC 6  O2 ? ? ? 1_555 B DG  7  N2 ? ? A DC 6  B DG  19 1_555 ? ? ? ? ? ? WATSON-CRICK ?     ? ? 
hydrog17 hydrog ?    ? A DG 7  N1 ? ? ? 1_555 B DT  6  O2 ? ? A DG 7  B DT  18 1_555 ? ? ? ? ? ? TYPE_28_PAIR ?     ? ? 
hydrog18 hydrog ?    ? A DG 7  O6 ? ? ? 1_555 B DT  6  N3 ? ? A DG 7  B DT  18 1_555 ? ? ? ? ? ? TYPE_28_PAIR ?     ? ? 
hydrog19 hydrog ?    ? A DA 8  N1 ? ? ? 1_555 B DT  5  N3 ? ? A DA 8  B DT  17 1_555 ? ? ? ? ? ? WATSON-CRICK ?     ? ? 
hydrog20 hydrog ?    ? A DA 8  N6 ? ? ? 1_555 B DT  5  O4 ? ? A DA 8  B DT  17 1_555 ? ? ? ? ? ? WATSON-CRICK ?     ? ? 
hydrog21 hydrog ?    ? A DG 9  N1 ? ? ? 1_555 B DC  4  N3 ? ? A DG 9  B DC  16 1_555 ? ? ? ? ? ? WATSON-CRICK ?     ? ? 
hydrog22 hydrog ?    ? A DG 9  N2 ? ? ? 1_555 B DC  4  O2 ? ? A DG 9  B DC  16 1_555 ? ? ? ? ? ? WATSON-CRICK ?     ? ? 
hydrog23 hydrog ?    ? A DG 9  O6 ? ? ? 1_555 B DC  4  N4 ? ? A DG 9  B DC  16 1_555 ? ? ? ? ? ? WATSON-CRICK ?     ? ? 
hydrog24 hydrog ?    ? A DT 10 N3 ? ? ? 1_555 B DA  3  N1 ? ? A DT 10 B DA  15 1_555 ? ? ? ? ? ? WATSON-CRICK ?     ? ? 
hydrog25 hydrog ?    ? A DT 10 O4 ? ? ? 1_555 B DA  3  N6 ? ? A DT 10 B DA  15 1_555 ? ? ? ? ? ? WATSON-CRICK ?     ? ? 
hydrog26 hydrog ?    ? A DC 11 N3 ? ? ? 1_555 B DG  2  N1 ? ? A DC 11 B DG  14 1_555 ? ? ? ? ? ? WATSON-CRICK ?     ? ? 
hydrog27 hydrog ?    ? A DC 11 N4 ? ? ? 1_555 B DG  2  O6 ? ? A DC 11 B DG  14 1_555 ? ? ? ? ? ? WATSON-CRICK ?     ? ? 
hydrog28 hydrog ?    ? A DC 11 O2 ? ? ? 1_555 B DG  2  N2 ? ? A DC 11 B DG  14 1_555 ? ? ? ? ? ? WATSON-CRICK ?     ? ? 
hydrog29 hydrog ?    ? A DC 12 N3 ? ? ? 1_555 B DG  1  N1 ? ? A DC 12 B DG  13 1_555 ? ? ? ? ? ? WATSON-CRICK ?     ? ? 
hydrog30 hydrog ?    ? A DC 12 N4 ? ? ? 1_555 B DG  1  O6 ? ? A DC 12 B DG  13 1_555 ? ? ? ? ? ? WATSON-CRICK ?     ? ? 
hydrog31 hydrog ?    ? A DC 12 O2 ? ? ? 1_555 B DG  1  N2 ? ? A DC 12 B DG  13 1_555 ? ? ? ? ? ? WATSON-CRICK ?     ? ? 
# 
loop_
_struct_conn_type.id 
_struct_conn_type.criteria 
_struct_conn_type.reference 
covale ? ? 
hydrog ? ? 
# 
loop_
_struct_site.id 
_struct_site.pdbx_evidence_code 
_struct_site.pdbx_auth_asym_id 
_struct_site.pdbx_auth_comp_id 
_struct_site.pdbx_auth_seq_id 
_struct_site.pdbx_auth_ins_code 
_struct_site.pdbx_num_residues 
_struct_site.details 
AC1 Software A 2LE 25 ? 2 'BINDING SITE FOR RESIDUE 2LE A 25' 
1   ?        ? ?   ?  ? ? ?                                   
# 
loop_
_struct_site_gen.id 
_struct_site_gen.site_id 
_struct_site_gen.pdbx_num_res 
_struct_site_gen.label_comp_id 
_struct_site_gen.label_asym_id 
_struct_site_gen.label_seq_id 
_struct_site_gen.pdbx_auth_ins_code 
_struct_site_gen.auth_comp_id 
_struct_site_gen.auth_asym_id 
_struct_site_gen.auth_seq_id 
_struct_site_gen.label_atom_id 
_struct_site_gen.label_alt_id 
_struct_site_gen.symmetry 
_struct_site_gen.details 
1 AC1 2 DG A 7 ? DG A 7 . ? 1_555 ? 
2 AC1 2 DA A 8 ? DA A 8 . ? 1_555 ? 
# 
_pdbx_validate_rmsd_bond.id                        1 
_pdbx_validate_rmsd_bond.PDB_model_num             1 
_pdbx_validate_rmsd_bond.auth_atom_id_1            "C5'" 
_pdbx_validate_rmsd_bond.auth_asym_id_1            A 
_pdbx_validate_rmsd_bond.auth_comp_id_1            DC 
_pdbx_validate_rmsd_bond.auth_seq_id_1             6 
_pdbx_validate_rmsd_bond.PDB_ins_code_1            ? 
_pdbx_validate_rmsd_bond.label_alt_id_1            ? 
_pdbx_validate_rmsd_bond.auth_atom_id_2            "C4'" 
_pdbx_validate_rmsd_bond.auth_asym_id_2            A 
_pdbx_validate_rmsd_bond.auth_comp_id_2            DC 
_pdbx_validate_rmsd_bond.auth_seq_id_2             6 
_pdbx_validate_rmsd_bond.PDB_ins_code_2            ? 
_pdbx_validate_rmsd_bond.label_alt_id_2            ? 
_pdbx_validate_rmsd_bond.bond_value                1.560 
_pdbx_validate_rmsd_bond.bond_target_value         1.512 
_pdbx_validate_rmsd_bond.bond_deviation            0.048 
_pdbx_validate_rmsd_bond.bond_standard_deviation   0.007 
_pdbx_validate_rmsd_bond.linker_flag               N 
# 
loop_
_pdbx_validate_rmsd_angle.id 
_pdbx_validate_rmsd_angle.PDB_model_num 
_pdbx_validate_rmsd_angle.auth_atom_id_1 
_pdbx_validate_rmsd_angle.auth_asym_id_1 
_pdbx_validate_rmsd_angle.auth_comp_id_1 
_pdbx_validate_rmsd_angle.auth_seq_id_1 
_pdbx_validate_rmsd_angle.PDB_ins_code_1 
_pdbx_validate_rmsd_angle.label_alt_id_1 
_pdbx_validate_rmsd_angle.auth_atom_id_2 
_pdbx_validate_rmsd_angle.auth_asym_id_2 
_pdbx_validate_rmsd_angle.auth_comp_id_2 
_pdbx_validate_rmsd_angle.auth_seq_id_2 
_pdbx_validate_rmsd_angle.PDB_ins_code_2 
_pdbx_validate_rmsd_angle.label_alt_id_2 
_pdbx_validate_rmsd_angle.auth_atom_id_3 
_pdbx_validate_rmsd_angle.auth_asym_id_3 
_pdbx_validate_rmsd_angle.auth_comp_id_3 
_pdbx_validate_rmsd_angle.auth_seq_id_3 
_pdbx_validate_rmsd_angle.PDB_ins_code_3 
_pdbx_validate_rmsd_angle.label_alt_id_3 
_pdbx_validate_rmsd_angle.angle_value 
_pdbx_validate_rmsd_angle.angle_target_value 
_pdbx_validate_rmsd_angle.angle_deviation 
_pdbx_validate_rmsd_angle.angle_standard_deviation 
_pdbx_validate_rmsd_angle.linker_flag 
1  1 N1    A DG 1  ? ? C6    A DG 1  ? ? O6 A DG 1  ? ? 115.95 119.90 -3.95 0.60 N 
2  1 "O4'" A DC 2  ? ? "C1'" A DC 2  ? ? N1 A DC 2  ? ? 110.33 108.30 2.03  0.30 N 
3  1 N3    A DC 2  ? ? C4    A DC 2  ? ? C5 A DC 2  ? ? 124.54 121.90 2.64  0.40 N 
4  1 N3    A DC 2  ? ? C2    A DC 2  ? ? O2 A DC 2  ? ? 116.94 121.90 -4.96 0.70 N 
5  1 "O4'" A DA 4  ? ? "C1'" A DA 4  ? ? N9 A DA 4  ? ? 114.44 108.30 6.14  0.30 N 
6  1 C4    A DA 4  ? ? C5    A DA 4  ? ? C6 A DA 4  ? ? 113.31 117.00 -3.69 0.50 N 
7  1 C5    A DA 4  ? ? C6    A DA 4  ? ? N1 A DA 4  ? ? 121.73 117.70 4.03  0.50 N 
8  1 N1    A DA 4  ? ? C6    A DA 4  ? ? N6 A DA 4  ? ? 114.30 118.60 -4.30 0.60 N 
9  1 N3    A DC 6  ? ? C2    A DC 6  ? ? O2 A DC 6  ? ? 117.45 121.90 -4.45 0.70 N 
10 1 "O4'" A DG 7  ? ? "C1'" A DG 7  ? ? N9 A DG 7  ? ? 111.87 108.30 3.57  0.30 N 
11 1 "O4'" A DA 8  ? ? "C1'" A DA 8  ? ? N9 A DA 8  ? ? 111.83 108.30 3.53  0.30 N 
12 1 C4    A DA 8  ? ? C5    A DA 8  ? ? C6 A DA 8  ? ? 113.33 117.00 -3.67 0.50 N 
13 1 C5    A DA 8  ? ? C6    A DA 8  ? ? N1 A DA 8  ? ? 121.07 117.70 3.37  0.50 N 
14 1 N1    A DA 8  ? ? C6    A DA 8  ? ? N6 A DA 8  ? ? 113.68 118.60 -4.92 0.60 N 
15 1 "O4'" A DG 9  ? ? "C1'" A DG 9  ? ? N9 A DG 9  ? ? 111.20 108.30 2.90  0.30 N 
16 1 "O4'" A DC 11 ? ? "C1'" A DC 11 ? ? N1 A DC 11 ? ? 110.54 108.30 2.24  0.30 N 
17 1 N3    A DC 11 ? ? C4    A DC 11 ? ? C5 A DC 11 ? ? 124.31 121.90 2.41  0.40 N 
18 1 N3    A DC 11 ? ? C2    A DC 11 ? ? O2 A DC 11 ? ? 116.20 121.90 -5.70 0.70 N 
19 1 N3    A DC 12 ? ? C2    A DC 12 ? ? O2 A DC 12 ? ? 116.43 121.90 -5.47 0.70 N 
20 1 N1    B DG 13 ? ? C6    B DG 13 ? ? O6 B DG 13 ? ? 116.12 119.90 -3.78 0.60 N 
21 1 "O4'" B DG 14 ? ? "C1'" B DG 14 ? ? N9 B DG 14 ? ? 111.06 108.30 2.76  0.30 N 
22 1 "O4'" B DA 15 ? ? "C1'" B DA 15 ? ? N9 B DA 15 ? ? 111.71 108.30 3.41  0.30 N 
23 1 C4    B DA 15 ? ? C5    B DA 15 ? ? C6 B DA 15 ? ? 113.57 117.00 -3.43 0.50 N 
24 1 C5    B DA 15 ? ? C6    B DA 15 ? ? N1 B DA 15 ? ? 121.34 117.70 3.64  0.50 N 
25 1 N1    B DA 15 ? ? C6    B DA 15 ? ? N6 B DA 15 ? ? 113.84 118.60 -4.76 0.60 N 
26 1 N3    B DC 16 ? ? C4    B DC 16 ? ? C5 B DC 16 ? ? 124.86 121.90 2.96  0.40 N 
27 1 N3    B DC 16 ? ? C2    B DC 16 ? ? O2 B DC 16 ? ? 117.00 121.90 -4.90 0.70 N 
28 1 "O4'" B DT 17 ? ? "C1'" B DT 17 ? ? N1 B DT 17 ? ? 111.00 108.30 2.70  0.30 N 
29 1 N3    B DT 17 ? ? C2    B DT 17 ? ? O2 B DT 17 ? ? 118.46 122.30 -3.84 0.60 N 
30 1 C6    B DT 18 ? ? C5    B DT 18 ? ? C7 B DT 18 ? ? 119.19 122.90 -3.71 0.60 N 
31 1 "O4'" B DG 19 ? ? "C1'" B DG 19 ? ? N9 B DG 19 ? ? 110.21 108.30 1.91  0.30 N 
32 1 "O4'" B DC 20 ? ? "C1'" B DC 20 ? ? N1 B DC 20 ? ? 111.36 108.30 3.06  0.30 N 
33 1 N1    B DC 20 ? ? C2    B DC 20 ? ? O2 B DC 20 ? ? 122.66 118.90 3.76  0.60 N 
34 1 N3    B DC 20 ? ? C2    B DC 20 ? ? O2 B DC 20 ? ? 116.04 121.90 -5.86 0.70 N 
35 1 C6    B DT 21 ? ? C5    B DT 21 ? ? C7 B DT 21 ? ? 118.86 122.90 -4.04 0.60 N 
36 1 "O4'" B DA 22 ? ? "C1'" B DA 22 ? ? N9 B DA 22 ? ? 110.20 108.30 1.90  0.30 N 
37 1 C4    B DA 22 ? ? C5    B DA 22 ? ? C6 B DA 22 ? ? 113.65 117.00 -3.35 0.50 N 
38 1 C5    B DA 22 ? ? C6    B DA 22 ? ? N1 B DA 22 ? ? 121.32 117.70 3.62  0.50 N 
39 1 N1    B DA 22 ? ? C6    B DA 22 ? ? N6 B DA 22 ? ? 113.52 118.60 -5.08 0.60 N 
40 1 N1    B DG 23 ? ? C6    B DG 23 ? ? O6 B DG 23 ? ? 116.02 119.90 -3.88 0.60 N 
41 1 N3    B DC 24 ? ? C4    B DC 24 ? ? C5 B DC 24 ? ? 124.31 121.90 2.41  0.40 N 
# 
_pdbx_validate_planes.id              1 
_pdbx_validate_planes.PDB_model_num   1 
_pdbx_validate_planes.auth_comp_id    DC 
_pdbx_validate_planes.auth_asym_id    A 
_pdbx_validate_planes.auth_seq_id     2 
_pdbx_validate_planes.PDB_ins_code    ? 
_pdbx_validate_planes.label_alt_id    ? 
_pdbx_validate_planes.rmsd            0.099 
_pdbx_validate_planes.type            'SIDE CHAIN' 
# 
_struct_site_keywords.site_id   1 
_struct_site_keywords.text      'MINOR GROOVE BINDER' 
# 
_pdbx_nmr_ensemble.average_constraint_violations_per_residue     ? 
_pdbx_nmr_ensemble.average_constraints_per_residue               ? 
_pdbx_nmr_ensemble.average_distance_constraint_violation         ? 
_pdbx_nmr_ensemble.average_torsion_angle_constraint_violation    ? 
_pdbx_nmr_ensemble.conformer_selection_criteria                  'back calculated data agree with experimental NOESY spectrum' 
_pdbx_nmr_ensemble.conformers_calculated_total_number            10 
_pdbx_nmr_ensemble.conformers_submitted_total_number             1 
_pdbx_nmr_ensemble.distance_constraint_violation_method          ? 
_pdbx_nmr_ensemble.entry_id                                      2LG2 
_pdbx_nmr_ensemble.maximum_distance_constraint_violation         ? 
_pdbx_nmr_ensemble.maximum_lower_distance_constraint_violation   ? 
_pdbx_nmr_ensemble.maximum_torsion_angle_constraint_violation    ? 
_pdbx_nmr_ensemble.maximum_upper_distance_constraint_violation   ? 
_pdbx_nmr_ensemble.torsion_angle_constraint_violation_method     ? 
# 
_pdbx_nmr_representative.conformer_id         1 
_pdbx_nmr_representative.entry_id             2LG2 
_pdbx_nmr_representative.selection_criteria   'closest to the average' 
# 
_pdbx_nmr_sample_details.contents         
;1 mM DNA (5'-D(*GP*CP*TP*AP*GP*CP*GP*AP*GP*TP*CP*C)-3'), 1 mM DNA (5'-D(*GP*GP*AP*CP*TP*TP*GP*CP*TP*AP*GP*C)-3'), 1 mM (2E,4R)-4-HYDROXYNON-2-ENAL, 100% D2O
;
_pdbx_nmr_sample_details.solution_id      1 
_pdbx_nmr_sample_details.solvent_system   '100% D2O' 
# 
loop_
_pdbx_nmr_exptl_sample.component 
_pdbx_nmr_exptl_sample.concentration 
_pdbx_nmr_exptl_sample.concentration_range 
_pdbx_nmr_exptl_sample.concentration_units 
_pdbx_nmr_exptl_sample.isotopic_labeling 
_pdbx_nmr_exptl_sample.solution_id 
;DNA (5'-D(*GP*CP*TP*AP*GP*CP*GP*AP*GP*TP*CP*C)-3')-1
;
1 ? mM ? 1 
;DNA (5'-D(*GP*GP*AP*CP*TP*TP*GP*CP*TP*AP*GP*C)-3')-2
;
1 ? mM ? 1 
'(2E,4R)-4-HYDROXYNON-2-ENAL-3'                        1 ? mM ? 1 
# 
_pdbx_nmr_exptl_sample_conditions.conditions_id       1 
_pdbx_nmr_exptl_sample_conditions.ionic_strength      100 
_pdbx_nmr_exptl_sample_conditions.pH                  7.0 
_pdbx_nmr_exptl_sample_conditions.pressure            ambient 
_pdbx_nmr_exptl_sample_conditions.pressure_units      ? 
_pdbx_nmr_exptl_sample_conditions.temperature         298 
_pdbx_nmr_exptl_sample_conditions.temperature_units   K 
# 
_pdbx_nmr_exptl.conditions_id   1 
_pdbx_nmr_exptl.experiment_id   1 
_pdbx_nmr_exptl.solution_id     1 
_pdbx_nmr_exptl.type            '2D 1H-1H NOESY' 
# 
_pdbx_nmr_refine.entry_id           2LG2 
_pdbx_nmr_refine.method             'simulated annealing' 
_pdbx_nmr_refine.details            ? 
_pdbx_nmr_refine.software_ordinal   1 
# 
_pdbx_nmr_software.authors          'Case, Darden, Cheatham, III, Simmerling, Wang, Duke, Luo, and Kollm' 
_pdbx_nmr_software.classification   refinement 
_pdbx_nmr_software.name             Amber 
_pdbx_nmr_software.version          ? 
_pdbx_nmr_software.ordinal          1 
# 
loop_
_chem_comp_atom.comp_id 
_chem_comp_atom.atom_id 
_chem_comp_atom.type_symbol 
_chem_comp_atom.pdbx_aromatic_flag 
_chem_comp_atom.pdbx_stereo_config 
_chem_comp_atom.pdbx_ordinal 
2LE C1     C N R 1   
2LE O1     O N N 2   
2LE C2     C N N 3   
2LE C3     C N N 4   
2LE C4     C N S 5   
2LE O4     O N N 6   
2LE C5     C N N 7   
2LE C6     C N N 8   
2LE C7     C N N 9   
2LE C8     C N N 10  
2LE C9     C N N 11  
2LE H1     H N N 12  
2LE H12    H N N 13  
2LE H22    H N N 14  
2LE H3     H N N 15  
2LE H4     H N N 16  
2LE H15    H N N 17  
2LE H25    H N N 18  
2LE H16    H N N 19  
2LE H26    H N N 20  
2LE H17    H N N 21  
2LE H27    H N N 22  
2LE H18    H N N 23  
2LE H28    H N N 24  
2LE H19    H N N 25  
2LE H29    H N N 26  
2LE H39    H N N 27  
2LE HO1    H N N 28  
2LE H3A    H N N 29  
DA  OP3    O N N 30  
DA  P      P N N 31  
DA  OP1    O N N 32  
DA  OP2    O N N 33  
DA  "O5'"  O N N 34  
DA  "C5'"  C N N 35  
DA  "C4'"  C N R 36  
DA  "O4'"  O N N 37  
DA  "C3'"  C N S 38  
DA  "O3'"  O N N 39  
DA  "C2'"  C N N 40  
DA  "C1'"  C N R 41  
DA  N9     N Y N 42  
DA  C8     C Y N 43  
DA  N7     N Y N 44  
DA  C5     C Y N 45  
DA  C6     C Y N 46  
DA  N6     N N N 47  
DA  N1     N Y N 48  
DA  C2     C Y N 49  
DA  N3     N Y N 50  
DA  C4     C Y N 51  
DA  HOP3   H N N 52  
DA  HOP2   H N N 53  
DA  "H5'"  H N N 54  
DA  "H5''" H N N 55  
DA  "H4'"  H N N 56  
DA  "H3'"  H N N 57  
DA  "HO3'" H N N 58  
DA  "H2'"  H N N 59  
DA  "H2''" H N N 60  
DA  "H1'"  H N N 61  
DA  H8     H N N 62  
DA  H61    H N N 63  
DA  H62    H N N 64  
DA  H2     H N N 65  
DC  OP3    O N N 66  
DC  P      P N N 67  
DC  OP1    O N N 68  
DC  OP2    O N N 69  
DC  "O5'"  O N N 70  
DC  "C5'"  C N N 71  
DC  "C4'"  C N R 72  
DC  "O4'"  O N N 73  
DC  "C3'"  C N S 74  
DC  "O3'"  O N N 75  
DC  "C2'"  C N N 76  
DC  "C1'"  C N R 77  
DC  N1     N N N 78  
DC  C2     C N N 79  
DC  O2     O N N 80  
DC  N3     N N N 81  
DC  C4     C N N 82  
DC  N4     N N N 83  
DC  C5     C N N 84  
DC  C6     C N N 85  
DC  HOP3   H N N 86  
DC  HOP2   H N N 87  
DC  "H5'"  H N N 88  
DC  "H5''" H N N 89  
DC  "H4'"  H N N 90  
DC  "H3'"  H N N 91  
DC  "HO3'" H N N 92  
DC  "H2'"  H N N 93  
DC  "H2''" H N N 94  
DC  "H1'"  H N N 95  
DC  H41    H N N 96  
DC  H42    H N N 97  
DC  H5     H N N 98  
DC  H6     H N N 99  
DG  OP3    O N N 100 
DG  P      P N N 101 
DG  OP1    O N N 102 
DG  OP2    O N N 103 
DG  "O5'"  O N N 104 
DG  "C5'"  C N N 105 
DG  "C4'"  C N R 106 
DG  "O4'"  O N N 107 
DG  "C3'"  C N S 108 
DG  "O3'"  O N N 109 
DG  "C2'"  C N N 110 
DG  "C1'"  C N R 111 
DG  N9     N Y N 112 
DG  C8     C Y N 113 
DG  N7     N Y N 114 
DG  C5     C Y N 115 
DG  C6     C N N 116 
DG  O6     O N N 117 
DG  N1     N N N 118 
DG  C2     C N N 119 
DG  N2     N N N 120 
DG  N3     N N N 121 
DG  C4     C Y N 122 
DG  HOP3   H N N 123 
DG  HOP2   H N N 124 
DG  "H5'"  H N N 125 
DG  "H5''" H N N 126 
DG  "H4'"  H N N 127 
DG  "H3'"  H N N 128 
DG  "HO3'" H N N 129 
DG  "H2'"  H N N 130 
DG  "H2''" H N N 131 
DG  "H1'"  H N N 132 
DG  H8     H N N 133 
DG  H1     H N N 134 
DG  H21    H N N 135 
DG  H22    H N N 136 
DT  OP3    O N N 137 
DT  P      P N N 138 
DT  OP1    O N N 139 
DT  OP2    O N N 140 
DT  "O5'"  O N N 141 
DT  "C5'"  C N N 142 
DT  "C4'"  C N R 143 
DT  "O4'"  O N N 144 
DT  "C3'"  C N S 145 
DT  "O3'"  O N N 146 
DT  "C2'"  C N N 147 
DT  "C1'"  C N R 148 
DT  N1     N N N 149 
DT  C2     C N N 150 
DT  O2     O N N 151 
DT  N3     N N N 152 
DT  C4     C N N 153 
DT  O4     O N N 154 
DT  C5     C N N 155 
DT  C7     C N N 156 
DT  C6     C N N 157 
DT  HOP3   H N N 158 
DT  HOP2   H N N 159 
DT  "H5'"  H N N 160 
DT  "H5''" H N N 161 
DT  "H4'"  H N N 162 
DT  "H3'"  H N N 163 
DT  "HO3'" H N N 164 
DT  "H2'"  H N N 165 
DT  "H2''" H N N 166 
DT  "H1'"  H N N 167 
DT  H3     H N N 168 
DT  H71    H N N 169 
DT  H72    H N N 170 
DT  H73    H N N 171 
DT  H6     H N N 172 
# 
loop_
_chem_comp_bond.comp_id 
_chem_comp_bond.atom_id_1 
_chem_comp_bond.atom_id_2 
_chem_comp_bond.value_order 
_chem_comp_bond.pdbx_aromatic_flag 
_chem_comp_bond.pdbx_stereo_config 
_chem_comp_bond.pdbx_ordinal 
2LE O1    C1     sing N N 1   
2LE H1    C1     sing N N 2   
2LE C1    C2     sing N N 3   
2LE C1    O4     sing N N 4   
2LE O1    HO1    sing N N 5   
2LE H12   C2     sing N N 6   
2LE C2    H22    sing N N 7   
2LE C2    C3     sing N N 8   
2LE H3    C3     sing N N 9   
2LE C3    C4     sing N N 10  
2LE C3    H3A    sing N N 11  
2LE O4    C4     sing N N 12  
2LE C4    H4     sing N N 13  
2LE C4    C5     sing N N 14  
2LE H25   C5     sing N N 15  
2LE C5    H15    sing N N 16  
2LE C5    C6     sing N N 17  
2LE C6    H16    sing N N 18  
2LE C6    H26    sing N N 19  
2LE C6    C7     sing N N 20  
2LE C8    C7     sing N N 21  
2LE C7    H17    sing N N 22  
2LE C7    H27    sing N N 23  
2LE C9    C8     sing N N 24  
2LE H18   C8     sing N N 25  
2LE C8    H28    sing N N 26  
2LE H19   C9     sing N N 27  
2LE C9    H29    sing N N 28  
2LE C9    H39    sing N N 29  
DA  OP3   P      sing N N 30  
DA  OP3   HOP3   sing N N 31  
DA  P     OP1    doub N N 32  
DA  P     OP2    sing N N 33  
DA  P     "O5'"  sing N N 34  
DA  OP2   HOP2   sing N N 35  
DA  "O5'" "C5'"  sing N N 36  
DA  "C5'" "C4'"  sing N N 37  
DA  "C5'" "H5'"  sing N N 38  
DA  "C5'" "H5''" sing N N 39  
DA  "C4'" "O4'"  sing N N 40  
DA  "C4'" "C3'"  sing N N 41  
DA  "C4'" "H4'"  sing N N 42  
DA  "O4'" "C1'"  sing N N 43  
DA  "C3'" "O3'"  sing N N 44  
DA  "C3'" "C2'"  sing N N 45  
DA  "C3'" "H3'"  sing N N 46  
DA  "O3'" "HO3'" sing N N 47  
DA  "C2'" "C1'"  sing N N 48  
DA  "C2'" "H2'"  sing N N 49  
DA  "C2'" "H2''" sing N N 50  
DA  "C1'" N9     sing N N 51  
DA  "C1'" "H1'"  sing N N 52  
DA  N9    C8     sing Y N 53  
DA  N9    C4     sing Y N 54  
DA  C8    N7     doub Y N 55  
DA  C8    H8     sing N N 56  
DA  N7    C5     sing Y N 57  
DA  C5    C6     sing Y N 58  
DA  C5    C4     doub Y N 59  
DA  C6    N6     sing N N 60  
DA  C6    N1     doub Y N 61  
DA  N6    H61    sing N N 62  
DA  N6    H62    sing N N 63  
DA  N1    C2     sing Y N 64  
DA  C2    N3     doub Y N 65  
DA  C2    H2     sing N N 66  
DA  N3    C4     sing Y N 67  
DC  OP3   P      sing N N 68  
DC  OP3   HOP3   sing N N 69  
DC  P     OP1    doub N N 70  
DC  P     OP2    sing N N 71  
DC  P     "O5'"  sing N N 72  
DC  OP2   HOP2   sing N N 73  
DC  "O5'" "C5'"  sing N N 74  
DC  "C5'" "C4'"  sing N N 75  
DC  "C5'" "H5'"  sing N N 76  
DC  "C5'" "H5''" sing N N 77  
DC  "C4'" "O4'"  sing N N 78  
DC  "C4'" "C3'"  sing N N 79  
DC  "C4'" "H4'"  sing N N 80  
DC  "O4'" "C1'"  sing N N 81  
DC  "C3'" "O3'"  sing N N 82  
DC  "C3'" "C2'"  sing N N 83  
DC  "C3'" "H3'"  sing N N 84  
DC  "O3'" "HO3'" sing N N 85  
DC  "C2'" "C1'"  sing N N 86  
DC  "C2'" "H2'"  sing N N 87  
DC  "C2'" "H2''" sing N N 88  
DC  "C1'" N1     sing N N 89  
DC  "C1'" "H1'"  sing N N 90  
DC  N1    C2     sing N N 91  
DC  N1    C6     sing N N 92  
DC  C2    O2     doub N N 93  
DC  C2    N3     sing N N 94  
DC  N3    C4     doub N N 95  
DC  C4    N4     sing N N 96  
DC  C4    C5     sing N N 97  
DC  N4    H41    sing N N 98  
DC  N4    H42    sing N N 99  
DC  C5    C6     doub N N 100 
DC  C5    H5     sing N N 101 
DC  C6    H6     sing N N 102 
DG  OP3   P      sing N N 103 
DG  OP3   HOP3   sing N N 104 
DG  P     OP1    doub N N 105 
DG  P     OP2    sing N N 106 
DG  P     "O5'"  sing N N 107 
DG  OP2   HOP2   sing N N 108 
DG  "O5'" "C5'"  sing N N 109 
DG  "C5'" "C4'"  sing N N 110 
DG  "C5'" "H5'"  sing N N 111 
DG  "C5'" "H5''" sing N N 112 
DG  "C4'" "O4'"  sing N N 113 
DG  "C4'" "C3'"  sing N N 114 
DG  "C4'" "H4'"  sing N N 115 
DG  "O4'" "C1'"  sing N N 116 
DG  "C3'" "O3'"  sing N N 117 
DG  "C3'" "C2'"  sing N N 118 
DG  "C3'" "H3'"  sing N N 119 
DG  "O3'" "HO3'" sing N N 120 
DG  "C2'" "C1'"  sing N N 121 
DG  "C2'" "H2'"  sing N N 122 
DG  "C2'" "H2''" sing N N 123 
DG  "C1'" N9     sing N N 124 
DG  "C1'" "H1'"  sing N N 125 
DG  N9    C8     sing Y N 126 
DG  N9    C4     sing Y N 127 
DG  C8    N7     doub Y N 128 
DG  C8    H8     sing N N 129 
DG  N7    C5     sing Y N 130 
DG  C5    C6     sing N N 131 
DG  C5    C4     doub Y N 132 
DG  C6    O6     doub N N 133 
DG  C6    N1     sing N N 134 
DG  N1    C2     sing N N 135 
DG  N1    H1     sing N N 136 
DG  C2    N2     sing N N 137 
DG  C2    N3     doub N N 138 
DG  N2    H21    sing N N 139 
DG  N2    H22    sing N N 140 
DG  N3    C4     sing N N 141 
DT  OP3   P      sing N N 142 
DT  OP3   HOP3   sing N N 143 
DT  P     OP1    doub N N 144 
DT  P     OP2    sing N N 145 
DT  P     "O5'"  sing N N 146 
DT  OP2   HOP2   sing N N 147 
DT  "O5'" "C5'"  sing N N 148 
DT  "C5'" "C4'"  sing N N 149 
DT  "C5'" "H5'"  sing N N 150 
DT  "C5'" "H5''" sing N N 151 
DT  "C4'" "O4'"  sing N N 152 
DT  "C4'" "C3'"  sing N N 153 
DT  "C4'" "H4'"  sing N N 154 
DT  "O4'" "C1'"  sing N N 155 
DT  "C3'" "O3'"  sing N N 156 
DT  "C3'" "C2'"  sing N N 157 
DT  "C3'" "H3'"  sing N N 158 
DT  "O3'" "HO3'" sing N N 159 
DT  "C2'" "C1'"  sing N N 160 
DT  "C2'" "H2'"  sing N N 161 
DT  "C2'" "H2''" sing N N 162 
DT  "C1'" N1     sing N N 163 
DT  "C1'" "H1'"  sing N N 164 
DT  N1    C2     sing N N 165 
DT  N1    C6     sing N N 166 
DT  C2    O2     doub N N 167 
DT  C2    N3     sing N N 168 
DT  N3    C4     sing N N 169 
DT  N3    H3     sing N N 170 
DT  C4    O4     doub N N 171 
DT  C4    C5     sing N N 172 
DT  C5    C7     sing N N 173 
DT  C5    C6     doub N N 174 
DT  C7    H71    sing N N 175 
DT  C7    H72    sing N N 176 
DT  C7    H73    sing N N 177 
DT  C6    H6     sing N N 178 
# 
loop_
_ndb_struct_conf_na.entry_id 
_ndb_struct_conf_na.feature 
2LG2 'double helix'         
2LG2 'b-form double helix'  
2LG2 'mismatched base pair' 
# 
loop_
_ndb_struct_na_base_pair.model_number 
_ndb_struct_na_base_pair.i_label_asym_id 
_ndb_struct_na_base_pair.i_label_comp_id 
_ndb_struct_na_base_pair.i_label_seq_id 
_ndb_struct_na_base_pair.i_symmetry 
_ndb_struct_na_base_pair.j_label_asym_id 
_ndb_struct_na_base_pair.j_label_comp_id 
_ndb_struct_na_base_pair.j_label_seq_id 
_ndb_struct_na_base_pair.j_symmetry 
_ndb_struct_na_base_pair.shear 
_ndb_struct_na_base_pair.stretch 
_ndb_struct_na_base_pair.stagger 
_ndb_struct_na_base_pair.buckle 
_ndb_struct_na_base_pair.propeller 
_ndb_struct_na_base_pair.opening 
_ndb_struct_na_base_pair.pair_number 
_ndb_struct_na_base_pair.pair_name 
_ndb_struct_na_base_pair.i_auth_asym_id 
_ndb_struct_na_base_pair.i_auth_seq_id 
_ndb_struct_na_base_pair.i_PDB_ins_code 
_ndb_struct_na_base_pair.j_auth_asym_id 
_ndb_struct_na_base_pair.j_auth_seq_id 
_ndb_struct_na_base_pair.j_PDB_ins_code 
_ndb_struct_na_base_pair.hbond_type_28 
_ndb_struct_na_base_pair.hbond_type_12 
1 A DG 1  1_555 B DC 12 1_555 -0.529 -0.118 0.016  1.435  6.634   1.153  1  A_DG1:DC24_B  A 1  ? B 24 ? 19 1 
1 A DC 2  1_555 B DG 11 1_555 0.490  -0.101 0.045  12.182 -8.368  -0.377 2  A_DC2:DG23_B  A 2  ? B 23 ? 19 1 
1 A DT 3  1_555 B DA 10 1_555 -0.132 0.009  0.118  16.375 -12.973 -2.246 3  A_DT3:DA22_B  A 3  ? B 22 ? 20 1 
1 A DA 4  1_555 B DT 9  1_555 0.012  -0.076 -0.129 13.136 -17.601 2.276  4  A_DA4:DT21_B  A 4  ? B 21 ? 20 1 
1 A DG 5  1_555 B DC 8  1_555 -0.240 -0.025 0.367  11.620 -5.959  -0.015 5  A_DG5:DC20_B  A 5  ? B 20 ? 19 1 
1 A DC 6  1_555 B DG 7  1_555 0.181  -0.093 0.307  4.286  -8.776  -0.419 6  A_DC6:DG19_B  A 6  ? B 19 ? 19 1 
1 A DG 7  1_555 B DT 6  1_555 -2.593 -0.467 0.128  15.733 -12.886 -0.410 7  A_DG7:DT18_B  A 7  ? B 18 ? 28 1 
1 A DA 8  1_555 B DT 5  1_555 0.102  0.014  -0.032 19.873 -22.271 -2.558 8  A_DA8:DT17_B  A 8  ? B 17 ? 20 1 
1 A DG 9  1_555 B DC 4  1_555 -0.615 -0.157 0.014  -0.253 -6.886  2.537  9  A_DG9:DC16_B  A 9  ? B 16 ? 19 1 
1 A DT 10 1_555 B DA 3  1_555 -0.020 -0.002 -0.371 6.079  -7.072  0.289  10 A_DT10:DA15_B A 10 ? B 15 ? 20 1 
1 A DC 11 1_555 B DG 2  1_555 0.344  -0.115 -0.209 10.448 -5.219  -2.126 11 A_DC11:DG14_B A 11 ? B 14 ? 19 1 
1 A DC 12 1_555 B DG 1  1_555 0.343  -0.026 -0.078 12.631 -14.690 0.896  12 A_DC12:DG13_B A 12 ? B 13 ? 19 1 
# 
loop_
_ndb_struct_na_base_pair_step.model_number 
_ndb_struct_na_base_pair_step.i_label_asym_id_1 
_ndb_struct_na_base_pair_step.i_label_comp_id_1 
_ndb_struct_na_base_pair_step.i_label_seq_id_1 
_ndb_struct_na_base_pair_step.i_symmetry_1 
_ndb_struct_na_base_pair_step.j_label_asym_id_1 
_ndb_struct_na_base_pair_step.j_label_comp_id_1 
_ndb_struct_na_base_pair_step.j_label_seq_id_1 
_ndb_struct_na_base_pair_step.j_symmetry_1 
_ndb_struct_na_base_pair_step.i_label_asym_id_2 
_ndb_struct_na_base_pair_step.i_label_comp_id_2 
_ndb_struct_na_base_pair_step.i_label_seq_id_2 
_ndb_struct_na_base_pair_step.i_symmetry_2 
_ndb_struct_na_base_pair_step.j_label_asym_id_2 
_ndb_struct_na_base_pair_step.j_label_comp_id_2 
_ndb_struct_na_base_pair_step.j_label_seq_id_2 
_ndb_struct_na_base_pair_step.j_symmetry_2 
_ndb_struct_na_base_pair_step.shift 
_ndb_struct_na_base_pair_step.slide 
_ndb_struct_na_base_pair_step.rise 
_ndb_struct_na_base_pair_step.tilt 
_ndb_struct_na_base_pair_step.roll 
_ndb_struct_na_base_pair_step.twist 
_ndb_struct_na_base_pair_step.x_displacement 
_ndb_struct_na_base_pair_step.y_displacement 
_ndb_struct_na_base_pair_step.helical_rise 
_ndb_struct_na_base_pair_step.inclination 
_ndb_struct_na_base_pair_step.tip 
_ndb_struct_na_base_pair_step.helical_twist 
_ndb_struct_na_base_pair_step.step_number 
_ndb_struct_na_base_pair_step.step_name 
_ndb_struct_na_base_pair_step.i_auth_asym_id_1 
_ndb_struct_na_base_pair_step.i_auth_seq_id_1 
_ndb_struct_na_base_pair_step.i_PDB_ins_code_1 
_ndb_struct_na_base_pair_step.j_auth_asym_id_1 
_ndb_struct_na_base_pair_step.j_auth_seq_id_1 
_ndb_struct_na_base_pair_step.j_PDB_ins_code_1 
_ndb_struct_na_base_pair_step.i_auth_asym_id_2 
_ndb_struct_na_base_pair_step.i_auth_seq_id_2 
_ndb_struct_na_base_pair_step.i_PDB_ins_code_2 
_ndb_struct_na_base_pair_step.j_auth_asym_id_2 
_ndb_struct_na_base_pair_step.j_auth_seq_id_2 
_ndb_struct_na_base_pair_step.j_PDB_ins_code_2 
1 A DG 1  1_555 B DC 12 1_555 A DC 2  1_555 B DG 11 1_555 -0.013 -0.322 3.229 1.491  -1.405 35.005 -0.327 0.243  3.236 -2.333 
-2.477 35.064 1  AA_DG1DC2:DG23DC24_BB   A 1  ? B 24 ? A 2  ? B 23 ? 
1 A DC 2  1_555 B DG 11 1_555 A DT 3  1_555 B DA 10 1_555 -0.064 -0.336 3.268 -0.410 5.826  28.014 -1.987 0.037  3.135 11.871 
0.836  28.605 2  AA_DC2DT3:DA22DG23_BB   A 2  ? B 23 ? A 3  ? B 22 ? 
1 A DT 3  1_555 B DA 10 1_555 A DA 4  1_555 B DT 9  1_555 0.249  -1.263 3.335 0.358  15.543 26.325 -5.253 -0.407 2.257 30.934 
-0.713 30.504 3  AA_DT3DA4:DT21DA22_BB   A 3  ? B 22 ? A 4  ? B 21 ? 
1 A DA 4  1_555 B DT 9  1_555 A DG 5  1_555 B DC 8  1_555 -1.156 -0.054 3.261 -7.196 7.914  39.122 -0.988 0.843  3.342 11.559 
10.509 40.502 4  AA_DA4DG5:DC20DT21_BB   A 4  ? B 21 ? A 5  ? B 20 ? 
1 A DG 5  1_555 B DC 8  1_555 A DC 6  1_555 B DG 7  1_555 -0.638 -0.525 3.480 -0.888 2.227  35.405 -1.208 0.910  3.456 3.657  
1.458  35.484 5  AA_DG5DC6:DG19DC20_BB   A 5  ? B 20 ? A 6  ? B 19 ? 
1 A DC 6  1_555 B DG 7  1_555 A DG 7  1_555 B DT 6  1_555 -0.237 -0.847 2.739 -2.920 10.051 18.363 -5.587 -0.305 2.018 28.672 
8.330  21.114 6  AA_DC6DG7:DT18DG19_BB   A 6  ? B 19 ? A 7  ? B 18 ? 
1 A DG 7  1_555 B DT 6  1_555 A DA 8  1_555 B DT 5  1_555 0.455  -0.421 3.298 0.109  6.122  40.406 -1.276 -0.639 3.205 8.802  
-0.157 40.848 7  AA_DG7DA8:DT17DT18_BB   A 7  ? B 18 ? A 8  ? B 17 ? 
1 A DA 8  1_555 B DT 5  1_555 A DG 9  1_555 B DC 4  1_555 0.510  -1.919 3.828 -3.604 5.655  30.255 -4.803 -1.726 3.341 10.670 
6.800  30.972 8  AA_DA8DG9:DC16DT17_BB   A 8  ? B 17 ? A 9  ? B 16 ? 
1 A DG 9  1_555 B DC 4  1_555 A DT 10 1_555 B DA 3  1_555 0.211  -0.518 3.198 6.316  4.552  37.590 -1.342 0.448  3.110 6.973  
-9.674 38.359 9  AA_DG9DT10:DA15DC16_BB  A 9  ? B 16 ? A 10 ? B 15 ? 
1 A DT 10 1_555 B DA 3  1_555 A DC 11 1_555 B DG 2  1_555 -0.313 -0.712 3.284 -3.062 4.681  31.199 -2.161 0.013  3.162 8.617  
5.636  31.684 10 AA_DT10DC11:DG14DA15_BB A 10 ? B 15 ? A 11 ? B 14 ? 
1 A DC 11 1_555 B DG 2  1_555 A DC 12 1_555 B DG 1  1_555 0.364  -1.224 3.267 -1.609 5.109  33.690 -2.873 -0.869 3.034 8.746  
2.755  34.101 11 AA_DC11DC12:DG13DG14_BB A 11 ? B 14 ? A 12 ? B 13 ? 
# 
_pdbx_nmr_spectrometer.field_strength    800 
_pdbx_nmr_spectrometer.manufacturer      Bruker 
_pdbx_nmr_spectrometer.model             AVANCE 
_pdbx_nmr_spectrometer.spectrometer_id   1 
_pdbx_nmr_spectrometer.type              'Bruker Avance' 
# 
_atom_sites.entry_id                    2LG2 
_atom_sites.fract_transf_matrix[1][1]   1.000000 
_atom_sites.fract_transf_matrix[1][2]   0.000000 
_atom_sites.fract_transf_matrix[1][3]   0.000000 
_atom_sites.fract_transf_matrix[2][1]   0.000000 
_atom_sites.fract_transf_matrix[2][2]   1.000000 
_atom_sites.fract_transf_matrix[2][3]   0.000000 
_atom_sites.fract_transf_matrix[3][1]   0.000000 
_atom_sites.fract_transf_matrix[3][2]   0.000000 
_atom_sites.fract_transf_matrix[3][3]   1.000000 
_atom_sites.fract_transf_vector[1]      0.00000 
_atom_sites.fract_transf_vector[2]      0.00000 
_atom_sites.fract_transf_vector[3]      0.00000 
# 
loop_
_atom_type.symbol 
C 
H 
N 
O 
P 
# 
loop_
_atom_site.group_PDB 
_atom_site.id 
_atom_site.type_symbol 
_atom_site.label_atom_id 
_atom_site.label_alt_id 
_atom_site.label_comp_id 
_atom_site.label_asym_id 
_atom_site.label_entity_id 
_atom_site.label_seq_id 
_atom_site.pdbx_PDB_ins_code 
_atom_site.Cartn_x 
_atom_site.Cartn_y 
_atom_site.Cartn_z 
_atom_site.occupancy 
_atom_site.B_iso_or_equiv 
_atom_site.pdbx_formal_charge 
_atom_site.auth_seq_id 
_atom_site.auth_comp_id 
_atom_site.auth_asym_id 
_atom_site.auth_atom_id 
_atom_site.pdbx_PDB_model_num 
ATOM   1   O "O5'"  . DG  A 1 1  ? -1.166  9.103   -18.246 1.00 0.00 ? 1  DG  A "O5'"  1 
ATOM   2   C "C5'"  . DG  A 1 1  ? -1.227  7.730   -18.590 1.00 0.00 ? 1  DG  A "C5'"  1 
ATOM   3   C "C4'"  . DG  A 1 1  ? -0.666  6.861   -17.457 1.00 0.00 ? 1  DG  A "C4'"  1 
ATOM   4   O "O4'"  . DG  A 1 1  ? 0.724   7.105   -17.259 1.00 0.00 ? 1  DG  A "O4'"  1 
ATOM   5   C "C3'"  . DG  A 1 1  ? -1.346  7.064   -16.086 1.00 0.00 ? 1  DG  A "C3'"  1 
ATOM   6   O "O3'"  . DG  A 1 1  ? -2.558  6.370   -15.816 1.00 0.00 ? 1  DG  A "O3'"  1 
ATOM   7   C "C2'"  . DG  A 1 1  ? -0.198  6.689   -15.128 1.00 0.00 ? 1  DG  A "C2'"  1 
ATOM   8   C "C1'"  . DG  A 1 1  ? 1.054   6.558   -15.997 1.00 0.00 ? 1  DG  A "C1'"  1 
ATOM   9   N N9     . DG  A 1 1  ? 2.242   7.252   -15.440 1.00 0.00 ? 1  DG  A N9     1 
ATOM   10  C C8     . DG  A 1 1  ? 2.372   8.514   -14.879 1.00 0.00 ? 1  DG  A C8     1 
ATOM   11  N N7     . DG  A 1 1  ? 3.589   8.797   -14.471 1.00 0.00 ? 1  DG  A N7     1 
ATOM   12  C C5     . DG  A 1 1  ? 4.299   7.628   -14.766 1.00 0.00 ? 1  DG  A C5     1 
ATOM   13  C C6     . DG  A 1 1  ? 5.695   7.295   -14.601 1.00 0.00 ? 1  DG  A C6     1 
ATOM   14  O O6     . DG  A 1 1  ? 6.625   7.952   -14.130 1.00 0.00 ? 1  DG  A O6     1 
ATOM   15  N N1     . DG  A 1 1  ? 6.026   6.051   -15.102 1.00 0.00 ? 1  DG  A N1     1 
ATOM   16  C C2     . DG  A 1 1  ? 5.137   5.210   -15.699 1.00 0.00 ? 1  DG  A C2     1 
ATOM   17  N N2     . DG  A 1 1  ? 5.589   4.068   -16.148 1.00 0.00 ? 1  DG  A N2     1 
ATOM   18  N N3     . DG  A 1 1  ? 3.847   5.455   -15.864 1.00 0.00 ? 1  DG  A N3     1 
ATOM   19  C C4     . DG  A 1 1  ? 3.495   6.692   -15.388 1.00 0.00 ? 1  DG  A C4     1 
ATOM   20  H "H5'"  . DG  A 1 1  ? -0.633  7.583   -19.491 1.00 0.00 ? 1  DG  A "H5'"  1 
ATOM   21  H "H5''" . DG  A 1 1  ? -2.248  7.408   -18.794 1.00 0.00 ? 1  DG  A "H5''" 1 
ATOM   22  H "H4'"  . DG  A 1 1  ? -0.793  5.827   -17.777 1.00 0.00 ? 1  DG  A "H4'"  1 
ATOM   23  H "H3'"  . DG  A 1 1  ? -1.533  8.132   -15.976 1.00 0.00 ? 1  DG  A "H3'"  1 
ATOM   24  H "H2'"  . DG  A 1 1  ? -0.070  7.441   -14.348 1.00 0.00 ? 1  DG  A "H2'"  1 
ATOM   25  H "H2''" . DG  A 1 1  ? -0.361  5.729   -14.639 1.00 0.00 ? 1  DG  A "H2''" 1 
ATOM   26  H "H1'"  . DG  A 1 1  ? 1.260   5.490   -16.081 1.00 0.00 ? 1  DG  A "H1'"  1 
ATOM   27  H H8     . DG  A 1 1  ? 1.554   9.214   -14.790 1.00 0.00 ? 1  DG  A H8     1 
ATOM   28  H H1     . DG  A 1 1  ? 6.994   5.775   -15.016 1.00 0.00 ? 1  DG  A H1     1 
ATOM   29  H H21    . DG  A 1 1  ? 4.923   3.459   -16.601 1.00 0.00 ? 1  DG  A H21    1 
ATOM   30  H H22    . DG  A 1 1  ? 6.565   3.820   -16.071 1.00 0.00 ? 1  DG  A H22    1 
ATOM   31  H "HO5'" . DG  A 1 1  ? -1.474  9.633   -18.985 1.00 0.00 ? 1  DG  A "HO5'" 1 
ATOM   32  P P      . DC  A 1 2  ? -2.905  4.847   -16.249 1.00 0.00 ? 2  DC  A P      1 
ATOM   33  O OP1    . DC  A 1 2  ? -2.924  4.787   -17.726 1.00 0.00 ? 2  DC  A OP1    1 
ATOM   34  O OP2    . DC  A 1 2  ? -4.149  4.499   -15.507 1.00 0.00 ? 2  DC  A OP2    1 
ATOM   35  O "O5'"  . DC  A 1 2  ? -1.700  3.914   -15.672 1.00 0.00 ? 2  DC  A "O5'"  1 
ATOM   36  C "C5'"  . DC  A 1 2  ? -0.909  3.073   -16.502 1.00 0.00 ? 2  DC  A "C5'"  1 
ATOM   37  C "C4'"  . DC  A 1 2  ? 0.185   2.321   -15.770 1.00 0.00 ? 2  DC  A "C4'"  1 
ATOM   38  O "O4'"  . DC  A 1 2  ? 1.108   3.238   -15.233 1.00 0.00 ? 2  DC  A "O4'"  1 
ATOM   39  C "C3'"  . DC  A 1 2  ? -0.278  1.431   -14.603 1.00 0.00 ? 2  DC  A "C3'"  1 
ATOM   40  O "O3'"  . DC  A 1 2  ? -0.415  0.079   -15.035 1.00 0.00 ? 2  DC  A "O3'"  1 
ATOM   41  C "C2'"  . DC  A 1 2  ? 0.821   1.616   -13.566 1.00 0.00 ? 2  DC  A "C2'"  1 
ATOM   42  C "C1'"  . DC  A 1 2  ? 1.831   2.585   -14.223 1.00 0.00 ? 2  DC  A "C1'"  1 
ATOM   43  N N1     . DC  A 1 2  ? 2.349   3.563   -13.250 1.00 0.00 ? 2  DC  A N1     1 
ATOM   44  C C2     . DC  A 1 2  ? 3.718   3.582   -12.997 1.00 0.00 ? 2  DC  A C2     1 
ATOM   45  O O2     . DC  A 1 2  ? 4.474   2.688   -13.381 1.00 0.00 ? 2  DC  A O2     1 
ATOM   46  N N3     . DC  A 1 2  ? 4.276   4.605   -12.316 1.00 0.00 ? 2  DC  A N3     1 
ATOM   47  C C4     . DC  A 1 2  ? 3.480   5.564   -11.885 1.00 0.00 ? 2  DC  A C4     1 
ATOM   48  N N4     . DC  A 1 2  ? 4.064   6.566   -11.288 1.00 0.00 ? 2  DC  A N4     1 
ATOM   49  C C5     . DC  A 1 2  ? 2.071   5.562   -12.026 1.00 0.00 ? 2  DC  A C5     1 
ATOM   50  C C6     . DC  A 1 2  ? 1.522   4.505   -12.682 1.00 0.00 ? 2  DC  A C6     1 
ATOM   51  H "H5'"  . DC  A 1 2  ? -0.466  3.683   -17.289 1.00 0.00 ? 2  DC  A "H5'"  1 
ATOM   52  H "H5''" . DC  A 1 2  ? -1.571  2.350   -16.979 1.00 0.00 ? 2  DC  A "H5''" 1 
ATOM   53  H "H4'"  . DC  A 1 2  ? 0.683   1.683   -16.500 1.00 0.00 ? 2  DC  A "H4'"  1 
ATOM   54  H "H3'"  . DC  A 1 2  ? -1.192  1.865   -14.198 1.00 0.00 ? 2  DC  A "H3'"  1 
ATOM   55  H "H2'"  . DC  A 1 2  ? 0.387   2.011   -12.648 1.00 0.00 ? 2  DC  A "H2'"  1 
ATOM   56  H "H2''" . DC  A 1 2  ? 1.347   0.685   -13.356 1.00 0.00 ? 2  DC  A "H2''" 1 
ATOM   57  H "H1'"  . DC  A 1 2  ? 2.628   1.994   -14.674 1.00 0.00 ? 2  DC  A "H1'"  1 
ATOM   58  H H41    . DC  A 1 2  ? 3.510   7.315   -10.896 1.00 0.00 ? 2  DC  A H41    1 
ATOM   59  H H42    . DC  A 1 2  ? 5.060   6.507   -11.133 1.00 0.00 ? 2  DC  A H42    1 
ATOM   60  H H5     . DC  A 1 2  ? 1.425   6.313   -11.598 1.00 0.00 ? 2  DC  A H5     1 
ATOM   61  H H6     . DC  A 1 2  ? 0.453   4.400   -12.791 1.00 0.00 ? 2  DC  A H6     1 
ATOM   62  P P      . DT  A 1 3  ? -0.987  -1.093  -14.094 1.00 0.00 ? 3  DT  A P      1 
ATOM   63  O OP1    . DT  A 1 3  ? -1.454  -2.207  -14.958 1.00 0.00 ? 3  DT  A OP1    1 
ATOM   64  O OP2    . DT  A 1 3  ? -1.948  -0.512  -13.119 1.00 0.00 ? 3  DT  A OP2    1 
ATOM   65  O "O5'"  . DT  A 1 3  ? 0.335   -1.578  -13.278 1.00 0.00 ? 3  DT  A "O5'"  1 
ATOM   66  C "C5'"  . DT  A 1 3  ? 1.471   -2.103  -13.972 1.00 0.00 ? 3  DT  A "C5'"  1 
ATOM   67  C "C4'"  . DT  A 1 3  ? 2.714   -2.252  -13.066 1.00 0.00 ? 3  DT  A "C4'"  1 
ATOM   68  O "O4'"  . DT  A 1 3  ? 3.097   -0.976  -12.550 1.00 0.00 ? 3  DT  A "O4'"  1 
ATOM   69  C "C3'"  . DT  A 1 3  ? 2.486   -3.160  -11.812 1.00 0.00 ? 3  DT  A "C3'"  1 
ATOM   70  O "O3'"  . DT  A 1 3  ? 3.600   -4.043  -11.699 1.00 0.00 ? 3  DT  A "O3'"  1 
ATOM   71  C "C2'"  . DT  A 1 3  ? 2.439   -2.166  -10.661 1.00 0.00 ? 3  DT  A "C2'"  1 
ATOM   72  C "C1'"  . DT  A 1 3  ? 3.402   -1.093  -11.168 1.00 0.00 ? 3  DT  A "C1'"  1 
ATOM   73  N N1     . DT  A 1 3  ? 3.271   0.239   -10.519 1.00 0.00 ? 3  DT  A N1     1 
ATOM   74  C C2     . DT  A 1 3  ? 4.457   0.881   -10.126 1.00 0.00 ? 3  DT  A C2     1 
ATOM   75  O O2     . DT  A 1 3  ? 5.587   0.391   -10.207 1.00 0.00 ? 3  DT  A O2     1 
ATOM   76  N N3     . DT  A 1 3  ? 4.315   2.146   -9.610  1.00 0.00 ? 3  DT  A N3     1 
ATOM   77  C C4     . DT  A 1 3  ? 3.143   2.836   -9.446  1.00 0.00 ? 3  DT  A C4     1 
ATOM   78  O O4     . DT  A 1 3  ? 3.198   3.968   -8.970  1.00 0.00 ? 3  DT  A O4     1 
ATOM   79  C C5     . DT  A 1 3  ? 1.938   2.104   -9.848  1.00 0.00 ? 3  DT  A C5     1 
ATOM   80  C C7     . DT  A 1 3  ? 0.575   2.752   -9.675  1.00 0.00 ? 3  DT  A C7     1 
ATOM   81  C C6     . DT  A 1 3  ? 2.040   0.863   -10.393 1.00 0.00 ? 3  DT  A C6     1 
ATOM   82  H "H5'"  . DT  A 1 3  ? 1.744   -1.465  -14.812 1.00 0.00 ? 3  DT  A "H5'"  1 
ATOM   83  H "H5''" . DT  A 1 3  ? 1.235   -3.072  -14.413 1.00 0.00 ? 3  DT  A "H5''" 1 
ATOM   84  H "H4'"  . DT  A 1 3  ? 3.526   -2.657  -13.670 1.00 0.00 ? 3  DT  A "H4'"  1 
ATOM   85  H "H3'"  . DT  A 1 3  ? 1.555   -3.721  -11.895 1.00 0.00 ? 3  DT  A "H3'"  1 
ATOM   86  H "H2'"  . DT  A 1 3  ? 1.417   -1.800  -10.574 1.00 0.00 ? 3  DT  A "H2'"  1 
ATOM   87  H "H2''" . DT  A 1 3  ? 2.798   -2.590  -9.723  1.00 0.00 ? 3  DT  A "H2''" 1 
ATOM   88  H "H1'"  . DT  A 1 3  ? 4.416   -1.464  -11.026 1.00 0.00 ? 3  DT  A "H1'"  1 
ATOM   89  H H3     . DT  A 1 3  ? 5.156   2.642   -9.354  1.00 0.00 ? 3  DT  A H3     1 
ATOM   90  H H71    . DT  A 1 3  ? 0.444   2.978   -8.617  1.00 0.00 ? 3  DT  A H71    1 
ATOM   91  H H72    . DT  A 1 3  ? 0.530   3.680   -10.244 1.00 0.00 ? 3  DT  A H72    1 
ATOM   92  H H73    . DT  A 1 3  ? -0.212  2.061   -9.979  1.00 0.00 ? 3  DT  A H73    1 
ATOM   93  H H6     . DT  A 1 3  ? 1.165   0.337   -10.745 1.00 0.00 ? 3  DT  A H6     1 
ATOM   94  P P      . DA  A 1 4  ? 3.681   -5.271  -10.634 1.00 0.00 ? 4  DA  A P      1 
ATOM   95  O OP1    . DA  A 1 4  ? 4.687   -6.239  -11.146 1.00 0.00 ? 4  DA  A OP1    1 
ATOM   96  O OP2    . DA  A 1 4  ? 2.302   -5.753  -10.375 1.00 0.00 ? 4  DA  A OP2    1 
ATOM   97  O "O5'"  . DA  A 1 4  ? 4.255   -4.579  -9.282  1.00 0.00 ? 4  DA  A "O5'"  1 
ATOM   98  C "C5'"  . DA  A 1 4  ? 5.645   -4.308  -9.076  1.00 0.00 ? 4  DA  A "C5'"  1 
ATOM   99  C "C4'"  . DA  A 1 4  ? 5.954   -3.646  -7.706  1.00 0.00 ? 4  DA  A "C4'"  1 
ATOM   100 O "O4'"  . DA  A 1 4  ? 5.724   -2.241  -7.781  1.00 0.00 ? 4  DA  A "O4'"  1 
ATOM   101 C "C3'"  . DA  A 1 4  ? 5.164   -4.202  -6.498  1.00 0.00 ? 4  DA  A "C3'"  1 
ATOM   102 O "O3'"  . DA  A 1 4  ? 6.040   -4.387  -5.403  1.00 0.00 ? 4  DA  A "O3'"  1 
ATOM   103 C "C2'"  . DA  A 1 4  ? 4.204   -3.056  -6.237  1.00 0.00 ? 4  DA  A "C2'"  1 
ATOM   104 C "C1'"  . DA  A 1 4  ? 5.139   -1.892  -6.524  1.00 0.00 ? 4  DA  A "C1'"  1 
ATOM   105 N N9     . DA  A 1 4  ? 4.443   -0.598  -6.515  1.00 0.00 ? 4  DA  A N9     1 
ATOM   106 C C8     . DA  A 1 4  ? 3.124   -0.321  -6.746  1.00 0.00 ? 4  DA  A C8     1 
ATOM   107 N N7     . DA  A 1 4  ? 2.830   0.965   -6.692  1.00 0.00 ? 4  DA  A N7     1 
ATOM   108 C C5     . DA  A 1 4  ? 4.036   1.531   -6.248  1.00 0.00 ? 4  DA  A C5     1 
ATOM   109 C C6     . DA  A 1 4  ? 4.448   2.824   -5.845  1.00 0.00 ? 4  DA  A C6     1 
ATOM   110 N N6     . DA  A 1 4  ? 3.670   3.899   -5.891  1.00 0.00 ? 4  DA  A N6     1 
ATOM   111 N N1     . DA  A 1 4  ? 5.681   3.057   -5.392  1.00 0.00 ? 4  DA  A N1     1 
ATOM   112 C C2     . DA  A 1 4  ? 6.523   2.039   -5.325  1.00 0.00 ? 4  DA  A C2     1 
ATOM   113 N N3     . DA  A 1 4  ? 6.291   0.768   -5.658  1.00 0.00 ? 4  DA  A N3     1 
ATOM   114 C C4     . DA  A 1 4  ? 5.015   0.581   -6.110  1.00 0.00 ? 4  DA  A C4     1 
ATOM   115 H "H5'"  . DA  A 1 4  ? 6.001   -3.671  -9.884  1.00 0.00 ? 4  DA  A "H5'"  1 
ATOM   116 H "H5''" . DA  A 1 4  ? 6.201   -5.247  -9.082  1.00 0.00 ? 4  DA  A "H5''" 1 
ATOM   117 H "H4'"  . DA  A 1 4  ? 7.015   -3.799  -7.506  1.00 0.00 ? 4  DA  A "H4'"  1 
ATOM   118 H "H3'"  . DA  A 1 4  ? 4.588   -5.096  -6.735  1.00 0.00 ? 4  DA  A "H3'"  1 
ATOM   119 H "H2'"  . DA  A 1 4  ? 3.402   -3.086  -6.975  1.00 0.00 ? 4  DA  A "H2'"  1 
ATOM   120 H "H2''" . DA  A 1 4  ? 3.798   -3.041  -5.226  1.00 0.00 ? 4  DA  A "H2''" 1 
ATOM   121 H "H1'"  . DA  A 1 4  ? 5.933   -1.881  -5.776  1.00 0.00 ? 4  DA  A "H1'"  1 
ATOM   122 H H8     . DA  A 1 4  ? 2.418   -1.105  -6.980  1.00 0.00 ? 4  DA  A H8     1 
ATOM   123 H H61    . DA  A 1 4  ? 2.782   3.792   -6.362  1.00 0.00 ? 4  DA  A H61    1 
ATOM   124 H H62    . DA  A 1 4  ? 4.050   4.806   -5.664  1.00 0.00 ? 4  DA  A H62    1 
ATOM   125 H H2     . DA  A 1 4  ? 7.520   2.273   -4.982  1.00 0.00 ? 4  DA  A H2     1 
ATOM   126 P P      . DG  A 1 5  ? 5.952   -5.662  -4.436  1.00 0.00 ? 5  DG  A P      1 
ATOM   127 O OP1    . DG  A 1 5  ? 6.661   -6.832  -5.033  1.00 0.00 ? 5  DG  A OP1    1 
ATOM   128 O OP2    . DG  A 1 5  ? 4.530   -5.811  -4.012  1.00 0.00 ? 5  DG  A OP2    1 
ATOM   129 O "O5'"  . DG  A 1 5  ? 6.784   -5.124  -3.173  1.00 0.00 ? 5  DG  A "O5'"  1 
ATOM   130 C "C5'"  . DG  A 1 5  ? 8.198   -4.914  -3.209  1.00 0.00 ? 5  DG  A "C5'"  1 
ATOM   131 C "C4'"  . DG  A 1 5  ? 8.732   -4.092  -2.020  1.00 0.00 ? 5  DG  A "C4'"  1 
ATOM   132 O "O4'"  . DG  A 1 5  ? 8.307   -2.727  -2.164  1.00 0.00 ? 5  DG  A "O4'"  1 
ATOM   133 C "C3'"  . DG  A 1 5  ? 8.255   -4.582  -0.652  1.00 0.00 ? 5  DG  A "C3'"  1 
ATOM   134 O "O3'"  . DG  A 1 5  ? 9.320   -4.368  0.298   1.00 0.00 ? 5  DG  A "O3'"  1 
ATOM   135 C "C2'"  . DG  A 1 5  ? 7.039   -3.699  -0.387  1.00 0.00 ? 5  DG  A "C2'"  1 
ATOM   136 C "C1'"  . DG  A 1 5  ? 7.419   -2.398  -1.087  1.00 0.00 ? 5  DG  A "C1'"  1 
ATOM   137 N N9     . DG  A 1 5  ? 6.267   -1.646  -1.611  1.00 0.00 ? 5  DG  A N9     1 
ATOM   138 C C8     . DG  A 1 5  ? 5.243   -2.128  -2.375  1.00 0.00 ? 5  DG  A C8     1 
ATOM   139 N N7     . DG  A 1 5  ? 4.405   -1.216  -2.805  1.00 0.00 ? 5  DG  A N7     1 
ATOM   140 C C5     . DG  A 1 5  ? 4.896   -0.029  -2.241  1.00 0.00 ? 5  DG  A C5     1 
ATOM   141 C C6     . DG  A 1 5  ? 4.429   1.339   -2.285  1.00 0.00 ? 5  DG  A C6     1 
ATOM   142 O O6     . DG  A 1 5  ? 3.488   1.822   -2.910  1.00 0.00 ? 5  DG  A O6     1 
ATOM   143 N N1     . DG  A 1 5  ? 5.192   2.207   -1.530  1.00 0.00 ? 5  DG  A N1     1 
ATOM   144 C C2     . DG  A 1 5  ? 6.276   1.834   -0.801  1.00 0.00 ? 5  DG  A C2     1 
ATOM   145 N N2     . DG  A 1 5  ? 6.920   2.753   -0.131  1.00 0.00 ? 5  DG  A N2     1 
ATOM   146 N N3     . DG  A 1 5  ? 6.790   0.604   -0.771  1.00 0.00 ? 5  DG  A N3     1 
ATOM   147 C C4     . DG  A 1 5  ? 6.047   -0.290  -1.490  1.00 0.00 ? 5  DG  A C4     1 
ATOM   148 H "H5'"  . DG  A 1 5  ? 8.479   -4.384  -4.119  1.00 0.00 ? 5  DG  A "H5'"  1 
ATOM   149 H "H5''" . DG  A 1 5  ? 8.689   -5.887  -3.185  1.00 0.00 ? 5  DG  A "H5''" 1 
ATOM   150 H "H4'"  . DG  A 1 5  ? 9.820   -4.140  -2.049  1.00 0.00 ? 5  DG  A "H4'"  1 
ATOM   151 H "H3'"  . DG  A 1 5  ? 7.954   -5.629  -0.689  1.00 0.00 ? 5  DG  A "H3'"  1 
ATOM   152 H "H2'"  . DG  A 1 5  ? 6.174   -4.157  -0.865  1.00 0.00 ? 5  DG  A "H2'"  1 
ATOM   153 H "H2''" . DG  A 1 5  ? 6.790   -3.587  0.669   1.00 0.00 ? 5  DG  A "H2''" 1 
ATOM   154 H "H1'"  . DG  A 1 5  ? 7.987   -1.774  -0.397  1.00 0.00 ? 5  DG  A "H1'"  1 
ATOM   155 H H8     . DG  A 1 5  ? 5.176   -3.175  -2.635  1.00 0.00 ? 5  DG  A H8     1 
ATOM   156 H H1     . DG  A 1 5  ? 4.896   3.172   -1.556  1.00 0.00 ? 5  DG  A H1     1 
ATOM   157 H H21    . DG  A 1 5  ? 7.762   2.511   0.372   1.00 0.00 ? 5  DG  A H21    1 
ATOM   158 H H22    . DG  A 1 5  ? 6.564   3.698   -0.105  1.00 0.00 ? 5  DG  A H22    1 
ATOM   159 P P      . DC  A 1 6  ? 9.191   -4.743  1.864   1.00 0.00 ? 6  DC  A P      1 
ATOM   160 O OP1    . DC  A 1 6  ? 10.553  -5.167  2.307   1.00 0.00 ? 6  DC  A OP1    1 
ATOM   161 O OP2    . DC  A 1 6  ? 8.048   -5.661  2.075   1.00 0.00 ? 6  DC  A OP2    1 
ATOM   162 O "O5'"  . DC  A 1 6  ? 8.844   -3.310  2.532   1.00 0.00 ? 6  DC  A "O5'"  1 
ATOM   163 C "C5'"  . DC  A 1 6  ? 9.782   -2.238  2.528   1.00 0.00 ? 6  DC  A "C5'"  1 
ATOM   164 C "C4'"  . DC  A 1 6  ? 9.303   -1.026  3.386   1.00 0.00 ? 6  DC  A "C4'"  1 
ATOM   165 O "O4'"  . DC  A 1 6  ? 8.225   -0.353  2.737   1.00 0.00 ? 6  DC  A "O4'"  1 
ATOM   166 C "C3'"  . DC  A 1 6  ? 8.820   -1.404  4.792   1.00 0.00 ? 6  DC  A "C3'"  1 
ATOM   167 O "O3'"  . DC  A 1 6  ? 9.413   -0.525  5.756   1.00 0.00 ? 6  DC  A "O3'"  1 
ATOM   168 C "C2'"  . DC  A 1 6  ? 7.300   -1.235  4.714   1.00 0.00 ? 6  DC  A "C2'"  1 
ATOM   169 C "C1'"  . DC  A 1 6  ? 7.139   -0.184  3.620   1.00 0.00 ? 6  DC  A "C1'"  1 
ATOM   170 N N1     . DC  A 1 6  ? 5.899   -0.273  2.812   1.00 0.00 ? 6  DC  A N1     1 
ATOM   171 C C2     . DC  A 1 6  ? 5.153   0.896   2.571   1.00 0.00 ? 6  DC  A C2     1 
ATOM   172 O O2     . DC  A 1 6  ? 5.450   1.974   3.083   1.00 0.00 ? 6  DC  A O2     1 
ATOM   173 N N3     . DC  A 1 6  ? 4.092   0.877   1.724   1.00 0.00 ? 6  DC  A N3     1 
ATOM   174 C C4     . DC  A 1 6  ? 3.758   -0.267  1.167   1.00 0.00 ? 6  DC  A C4     1 
ATOM   175 N N4     . DC  A 1 6  ? 2.792   -0.202  0.298   1.00 0.00 ? 6  DC  A N4     1 
ATOM   176 C C5     . DC  A 1 6  ? 4.464   -1.465  1.355   1.00 0.00 ? 6  DC  A C5     1 
ATOM   177 C C6     . DC  A 1 6  ? 5.545   -1.437  2.170   1.00 0.00 ? 6  DC  A C6     1 
ATOM   178 H "H5'"  . DC  A 1 6  ? 9.999   -1.915  1.510   1.00 0.00 ? 6  DC  A "H5'"  1 
ATOM   179 H "H5''" . DC  A 1 6  ? 10.698  -2.604  2.993   1.00 0.00 ? 6  DC  A "H5''" 1 
ATOM   180 H "H4'"  . DC  A 1 6  ? 10.140  -0.339  3.510   1.00 0.00 ? 6  DC  A "H4'"  1 
ATOM   181 H "H3'"  . DC  A 1 6  ? 9.074   -2.437  5.029   1.00 0.00 ? 6  DC  A "H3'"  1 
ATOM   182 H "H2'"  . DC  A 1 6  ? 6.849   -2.184  4.423   1.00 0.00 ? 6  DC  A "H2'"  1 
ATOM   183 H "H2''" . DC  A 1 6  ? 6.867   -0.898  5.656   1.00 0.00 ? 6  DC  A "H2''" 1 
ATOM   184 H "H1'"  . DC  A 1 6  ? 7.234   0.790   4.099   1.00 0.00 ? 6  DC  A "H1'"  1 
ATOM   185 H H41    . DC  A 1 6  ? 2.562   -1.022  -0.245  1.00 0.00 ? 6  DC  A H41    1 
ATOM   186 H H42    . DC  A 1 6  ? 2.273   0.657   0.192   1.00 0.00 ? 6  DC  A H42    1 
ATOM   187 H H5     . DC  A 1 6  ? 4.165   -2.381  0.867   1.00 0.00 ? 6  DC  A H5     1 
ATOM   188 H H6     . DC  A 1 6  ? 6.142   -2.325  2.314   1.00 0.00 ? 6  DC  A H6     1 
ATOM   189 P P      . DG  A 1 7  ? 9.322   -0.777  7.333   1.00 0.00 ? 7  DG  A P      1 
ATOM   190 O OP1    . DG  A 1 7  ? 10.553  -0.208  7.928   1.00 0.00 ? 7  DG  A OP1    1 
ATOM   191 O OP2    . DG  A 1 7  ? 9.009   -2.210  7.595   1.00 0.00 ? 7  DG  A OP2    1 
ATOM   192 O "O5'"  . DG  A 1 7  ? 8.043   0.098   7.794   1.00 0.00 ? 7  DG  A "O5'"  1 
ATOM   193 C "C5'"  . DG  A 1 7  ? 8.142   1.512   7.886   1.00 0.00 ? 7  DG  A "C5'"  1 
ATOM   194 C "C4'"  . DG  A 1 7  ? 6.819   2.208   8.245   1.00 0.00 ? 7  DG  A "C4'"  1 
ATOM   195 O "O4'"  . DG  A 1 7  ? 5.959   2.264   7.115   1.00 0.00 ? 7  DG  A "O4'"  1 
ATOM   196 C "C3'"  . DG  A 1 7  ? 6.043   1.570   9.429   1.00 0.00 ? 7  DG  A "C3'"  1 
ATOM   197 O "O3'"  . DG  A 1 7  ? 5.695   2.567   10.377  1.00 0.00 ? 7  DG  A "O3'"  1 
ATOM   198 C "C2'"  . DG  A 1 7  ? 4.819   1.013   8.680   1.00 0.00 ? 7  DG  A "C2'"  1 
ATOM   199 C "C1'"  . DG  A 1 7  ? 4.640   2.037   7.558   1.00 0.00 ? 7  DG  A "C1'"  1 
ATOM   200 N N9     . DG  A 1 7  ? 3.761   1.580   6.462   1.00 0.00 ? 7  DG  A N9     1 
ATOM   201 C C8     . DG  A 1 7  ? 3.681   0.329   5.880   1.00 0.00 ? 7  DG  A C8     1 
ATOM   202 N N7     . DG  A 1 7  ? 2.824   0.229   4.898   1.00 0.00 ? 7  DG  A N7     1 
ATOM   203 C C5     . DG  A 1 7  ? 2.307   1.524   4.802   1.00 0.00 ? 7  DG  A C5     1 
ATOM   204 C C6     . DG  A 1 7  ? 1.302   2.076   3.937   1.00 0.00 ? 7  DG  A C6     1 
ATOM   205 O O6     . DG  A 1 7  ? 0.745   1.561   2.971   1.00 0.00 ? 7  DG  A O6     1 
ATOM   206 N N1     . DG  A 1 7  ? 0.949   3.376   4.259   1.00 0.00 ? 7  DG  A N1     1 
ATOM   207 C C2     . DG  A 1 7  ? 1.560   4.108   5.231   1.00 0.00 ? 7  DG  A C2     1 
ATOM   208 N N2     . DG  A 1 7  ? 1.174   5.373   5.313   1.00 0.00 ? 7  DG  A N2     1 
ATOM   209 N N3     . DG  A 1 7  ? 2.522   3.632   6.033   1.00 0.00 ? 7  DG  A N3     1 
ATOM   210 C C4     . DG  A 1 7  ? 2.837   2.328   5.775   1.00 0.00 ? 7  DG  A C4     1 
ATOM   211 H "H5'"  . DG  A 1 7  ? 8.498   1.942   6.949   1.00 0.00 ? 7  DG  A "H5'"  1 
ATOM   212 H "H5''" . DG  A 1 7  ? 8.908   1.765   8.620   1.00 0.00 ? 7  DG  A "H5''" 1 
ATOM   213 H "H4'"  . DG  A 1 7  ? 7.070   3.229   8.530   1.00 0.00 ? 7  DG  A "H4'"  1 
ATOM   214 H "H3'"  . DG  A 1 7  ? 6.622   0.765   9.882   1.00 0.00 ? 7  DG  A "H3'"  1 
ATOM   215 H "H2'"  . DG  A 1 7  ? 5.076   0.040   8.262   1.00 0.00 ? 7  DG  A "H2'"  1 
ATOM   216 H "H2''" . DG  A 1 7  ? 3.919   0.928   9.290   1.00 0.00 ? 7  DG  A "H2''" 1 
ATOM   217 H "H1'"  . DG  A 1 7  ? 4.192   2.943   7.967   1.00 0.00 ? 7  DG  A "H1'"  1 
ATOM   218 H H8     . DG  A 1 7  ? 4.264   -0.501  6.252   1.00 0.00 ? 7  DG  A H8     1 
ATOM   219 H H1     . DG  A 1 7  ? 0.182   3.791   3.749   1.00 0.00 ? 7  DG  A H1     1 
ATOM   220 H H22    . DG  A 1 7  ? 0.468   5.673   4.655   1.00 0.00 ? 7  DG  A H22    1 
ATOM   221 P P      . DA  A 1 8  ? 4.964   2.253   11.775  1.00 0.00 ? 8  DA  A P      1 
ATOM   222 O OP1    . DA  A 1 8  ? 5.295   3.344   12.737  1.00 0.00 ? 8  DA  A OP1    1 
ATOM   223 O OP2    . DA  A 1 8  ? 5.265   0.855   12.190  1.00 0.00 ? 8  DA  A OP2    1 
ATOM   224 O "O5'"  . DA  A 1 8  ? 3.401   2.392   11.456  1.00 0.00 ? 8  DA  A "O5'"  1 
ATOM   225 C "C5'"  . DA  A 1 8  ? 2.878   3.666   11.127  1.00 0.00 ? 8  DA  A "C5'"  1 
ATOM   226 C "C4'"  . DA  A 1 8  ? 1.426   3.610   10.663  1.00 0.00 ? 8  DA  A "C4'"  1 
ATOM   227 O "O4'"  . DA  A 1 8  ? 1.380   2.962   9.395   1.00 0.00 ? 8  DA  A "O4'"  1 
ATOM   228 C "C3'"  . DA  A 1 8  ? 0.492   2.841   11.614  1.00 0.00 ? 8  DA  A "C3'"  1 
ATOM   229 O "O3'"  . DA  A 1 8  ? -0.553  3.681   12.114  1.00 0.00 ? 8  DA  A "O3'"  1 
ATOM   230 C "C2'"  . DA  A 1 8  ? -0.017  1.703   10.737  1.00 0.00 ? 8  DA  A "C2'"  1 
ATOM   231 C "C1'"  . DA  A 1 8  ? 0.146   2.266   9.332   1.00 0.00 ? 8  DA  A "C1'"  1 
ATOM   232 N N9     . DA  A 1 8  ? 0.158   1.211   8.281   1.00 0.00 ? 8  DA  A N9     1 
ATOM   233 C C8     . DA  A 1 8  ? 0.816   -0.008  8.299   1.00 0.00 ? 8  DA  A C8     1 
ATOM   234 N N7     . DA  A 1 8  ? 0.540   -0.787  7.279   1.00 0.00 ? 8  DA  A N7     1 
ATOM   235 C C5     . DA  A 1 8  ? -0.344  0.015   6.520   1.00 0.00 ? 8  DA  A C5     1 
ATOM   236 C C6     . DA  A 1 8  ? -1.039  -0.150  5.289   1.00 0.00 ? 8  DA  A C6     1 
ATOM   237 N N6     . DA  A 1 8  ? -1.015  -1.239  4.540   1.00 0.00 ? 8  DA  A N6     1 
ATOM   238 N N1     . DA  A 1 8  ? -1.783  0.844   4.773   1.00 0.00 ? 8  DA  A N1     1 
ATOM   239 C C2     . DA  A 1 8  ? -1.860  1.987   5.445   1.00 0.00 ? 8  DA  A C2     1 
ATOM   240 N N3     . DA  A 1 8  ? -1.300  2.276   6.622   1.00 0.00 ? 8  DA  A N3     1 
ATOM   241 C C4     . DA  A 1 8  ? -0.558  1.237   7.104   1.00 0.00 ? 8  DA  A C4     1 
ATOM   242 H "H5'"  . DA  A 1 8  ? 3.484   4.131   10.349  1.00 0.00 ? 8  DA  A "H5'"  1 
ATOM   243 H "H5''" . DA  A 1 8  ? 2.948   4.315   12.000  1.00 0.00 ? 8  DA  A "H5''" 1 
ATOM   244 H "H4'"  . DA  A 1 8  ? 1.033   4.621   10.546  1.00 0.00 ? 8  DA  A "H4'"  1 
ATOM   245 H "H3'"  . DA  A 1 8  ? 1.062   2.427   12.446  1.00 0.00 ? 8  DA  A "H3'"  1 
ATOM   246 H "H2'"  . DA  A 1 8  ? 0.634   0.841   10.881  1.00 0.00 ? 8  DA  A "H2'"  1 
ATOM   247 H "H2''" . DA  A 1 8  ? -1.063  1.451   10.913  1.00 0.00 ? 8  DA  A "H2''" 1 
ATOM   248 H "H1'"  . DA  A 1 8  ? -0.678  2.954   9.143   1.00 0.00 ? 8  DA  A "H1'"  1 
ATOM   249 H H8     . DA  A 1 8  ? 1.498   -0.281  9.091   1.00 0.00 ? 8  DA  A H8     1 
ATOM   250 H H61    . DA  A 1 8  ? -0.534  -2.053  4.895   1.00 0.00 ? 8  DA  A H61    1 
ATOM   251 H H62    . DA  A 1 8  ? -1.464  -1.269  3.637   1.00 0.00 ? 8  DA  A H62    1 
ATOM   252 H H2     . DA  A 1 8  ? -2.401  2.790   4.966   1.00 0.00 ? 8  DA  A H2     1 
ATOM   253 P P      . DG  A 1 9  ? -1.664  3.192   13.172  1.00 0.00 ? 9  DG  A P      1 
ATOM   254 O OP1    . DG  A 1 9  ? -2.019  4.356   14.031  1.00 0.00 ? 9  DG  A OP1    1 
ATOM   255 O OP2    . DG  A 1 9  ? -1.178  1.955   13.845  1.00 0.00 ? 9  DG  A OP2    1 
ATOM   256 O "O5'"  . DG  A 1 9  ? -2.907  2.778   12.221  1.00 0.00 ? 9  DG  A "O5'"  1 
ATOM   257 C "C5'"  . DG  A 1 9  ? -3.632  3.765   11.494  1.00 0.00 ? 9  DG  A "C5'"  1 
ATOM   258 C "C4'"  . DG  A 1 9  ? -4.680  3.157   10.550  1.00 0.00 ? 9  DG  A "C4'"  1 
ATOM   259 O "O4'"  . DG  A 1 9  ? -4.068  2.549   9.421   1.00 0.00 ? 9  DG  A "O4'"  1 
ATOM   260 C "C3'"  . DG  A 1 9  ? -5.632  2.096   11.115  1.00 0.00 ? 9  DG  A "C3'"  1 
ATOM   261 O "O3'"  . DG  A 1 9  ? -6.734  2.718   11.784  1.00 0.00 ? 9  DG  A "O3'"  1 
ATOM   262 C "C2'"  . DG  A 1 9  ? -6.099  1.415   9.826   1.00 0.00 ? 9  DG  A "C2'"  1 
ATOM   263 C "C1'"  . DG  A 1 9  ? -5.038  1.718   8.792   1.00 0.00 ? 9  DG  A "C1'"  1 
ATOM   264 N N9     . DG  A 1 9  ? -4.424  0.476   8.277   1.00 0.00 ? 9  DG  A N9     1 
ATOM   265 C C8     . DG  A 1 9  ? -3.311  -0.200  8.724   1.00 0.00 ? 9  DG  A C8     1 
ATOM   266 N N7     . DG  A 1 9  ? -3.032  -1.291  8.055   1.00 0.00 ? 9  DG  A N7     1 
ATOM   267 C C5     . DG  A 1 9  ? -4.020  -1.314  7.057   1.00 0.00 ? 9  DG  A C5     1 
ATOM   268 C C6     . DG  A 1 9  ? -4.242  -2.218  5.960   1.00 0.00 ? 9  DG  A C6     1 
ATOM   269 O O6     . DG  A 1 9  ? -3.575  -3.181  5.590   1.00 0.00 ? 9  DG  A O6     1 
ATOM   270 N N1     . DG  A 1 9  ? -5.382  -1.926  5.238   1.00 0.00 ? 9  DG  A N1     1 
ATOM   271 C C2     . DG  A 1 9  ? -6.181  -0.864  5.487   1.00 0.00 ? 9  DG  A C2     1 
ATOM   272 N N2     . DG  A 1 9  ? -7.268  -0.723  4.800   1.00 0.00 ? 9  DG  A N2     1 
ATOM   273 N N3     . DG  A 1 9  ? -5.983  0.018   6.448   1.00 0.00 ? 9  DG  A N3     1 
ATOM   274 C C4     . DG  A 1 9  ? -4.879  -0.251  7.199   1.00 0.00 ? 9  DG  A C4     1 
ATOM   275 H "H5'"  . DG  A 1 9  ? -2.944  4.357   10.889  1.00 0.00 ? 9  DG  A "H5'"  1 
ATOM   276 H "H5''" . DG  A 1 9  ? -4.124  4.412   12.221  1.00 0.00 ? 9  DG  A "H5''" 1 
ATOM   277 H "H4'"  . DG  A 1 9  ? -5.298  3.977   10.183  1.00 0.00 ? 9  DG  A "H4'"  1 
ATOM   278 H "H3'"  . DG  A 1 9  ? -5.114  1.358   11.726  1.00 0.00 ? 9  DG  A "H3'"  1 
ATOM   279 H "H2'"  . DG  A 1 9  ? -6.222  0.343   9.978   1.00 0.00 ? 9  DG  A "H2'"  1 
ATOM   280 H "H2''" . DG  A 1 9  ? -7.019  1.888   9.482   1.00 0.00 ? 9  DG  A "H2''" 1 
ATOM   281 H "H1'"  . DG  A 1 9  ? -5.513  2.238   7.961   1.00 0.00 ? 9  DG  A "H1'"  1 
ATOM   282 H H8     . DG  A 1 9  ? -2.767  0.079   9.614   1.00 0.00 ? 9  DG  A H8     1 
ATOM   283 H H1     . DG  A 1 9  ? -5.603  -2.540  4.468   1.00 0.00 ? 9  DG  A H1     1 
ATOM   284 H H21    . DG  A 1 9  ? -7.868  0.047   5.063   1.00 0.00 ? 9  DG  A H21    1 
ATOM   285 H H22    . DG  A 1 9  ? -7.489  -1.352  4.042   1.00 0.00 ? 9  DG  A H22    1 
ATOM   286 P P      . DT  A 1 10 ? -7.811  1.889   12.681  1.00 0.00 ? 10 DT  A P      1 
ATOM   287 O OP1    . DT  A 1 10 ? -8.655  2.849   13.414  1.00 0.00 ? 10 DT  A OP1    1 
ATOM   288 O OP2    . DT  A 1 10 ? -7.081  0.852   13.458  1.00 0.00 ? 10 DT  A OP2    1 
ATOM   289 O "O5'"  . DT  A 1 10 ? -8.729  1.150   11.603  1.00 0.00 ? 10 DT  A "O5'"  1 
ATOM   290 C "C5'"  . DT  A 1 10 ? -9.564  1.885   10.725  1.00 0.00 ? 10 DT  A "C5'"  1 
ATOM   291 C "C4'"  . DT  A 1 10 ? -10.191 0.996   9.649   1.00 0.00 ? 10 DT  A "C4'"  1 
ATOM   292 O "O4'"  . DT  A 1 10 ? -9.175  0.298   8.937   1.00 0.00 ? 10 DT  A "O4'"  1 
ATOM   293 C "C3'"  . DT  A 1 10 ? -11.160 -0.014  10.248  1.00 0.00 ? 10 DT  A "C3'"  1 
ATOM   294 O "O3'"  . DT  A 1 10 ? -12.493 0.270   9.842   1.00 0.00 ? 10 DT  A "O3'"  1 
ATOM   295 C "C2'"  . DT  A 1 10 ? -10.668 -1.364  9.735   1.00 0.00 ? 10 DT  A "C2'"  1 
ATOM   296 C "C1'"  . DT  A 1 10 ? -9.595  -1.037  8.683   1.00 0.00 ? 10 DT  A "C1'"  1 
ATOM   297 N N1     . DT  A 1 10 ? -8.429  -1.965  8.789   1.00 0.00 ? 10 DT  A N1     1 
ATOM   298 C C2     . DT  A 1 10 ? -8.185  -2.848  7.741   1.00 0.00 ? 10 DT  A C2     1 
ATOM   299 O O2     . DT  A 1 10 ? -8.956  -3.021  6.791   1.00 0.00 ? 10 DT  A O2     1 
ATOM   300 N N3     . DT  A 1 10 ? -7.045  -3.597  7.812   1.00 0.00 ? 10 DT  A N3     1 
ATOM   301 C C4     . DT  A 1 10 ? -6.106  -3.554  8.826   1.00 0.00 ? 10 DT  A C4     1 
ATOM   302 O O4     . DT  A 1 10 ? -5.123  -4.279  8.736   1.00 0.00 ? 10 DT  A O4     1 
ATOM   303 C C5     . DT  A 1 10 ? -6.423  -2.616  9.915   1.00 0.00 ? 10 DT  A C5     1 
ATOM   304 C C7     . DT  A 1 10 ? -5.463  -2.452  11.097  1.00 0.00 ? 10 DT  A C7     1 
ATOM   305 C C6     . DT  A 1 10 ? -7.576  -1.877  9.860   1.00 0.00 ? 10 DT  A C6     1 
ATOM   306 H "H5'"  . DT  A 1 10 ? -9.006  2.664   10.206  1.00 0.00 ? 10 DT  A "H5'"  1 
ATOM   307 H "H5''" . DT  A 1 10 ? -10.358 2.353   11.305  1.00 0.00 ? 10 DT  A "H5''" 1 
ATOM   308 H "H4'"  . DT  A 1 10 ? -10.736 1.611   8.933   1.00 0.00 ? 10 DT  A "H4'"  1 
ATOM   309 H "H3'"  . DT  A 1 10 ? -11.093 -0.006  11.336  1.00 0.00 ? 10 DT  A "H3'"  1 
ATOM   310 H "H2'"  . DT  A 1 10 ? -10.285 -1.952  10.570  1.00 0.00 ? 10 DT  A "H2'"  1 
ATOM   311 H "H2''" . DT  A 1 10 ? -11.462 -1.919  9.238   1.00 0.00 ? 10 DT  A "H2''" 1 
ATOM   312 H "H1'"  . DT  A 1 10 ? -10.049 -1.083  7.693   1.00 0.00 ? 10 DT  A "H1'"  1 
ATOM   313 H H3     . DT  A 1 10 ? -6.930  -4.307  7.103   1.00 0.00 ? 10 DT  A H3     1 
ATOM   314 H H71    . DT  A 1 10 ? -4.449  -2.290  10.734  1.00 0.00 ? 10 DT  A H71    1 
ATOM   315 H H72    . DT  A 1 10 ? -5.752  -1.628  11.749  1.00 0.00 ? 10 DT  A H72    1 
ATOM   316 H H73    . DT  A 1 10 ? -5.433  -3.387  11.656  1.00 0.00 ? 10 DT  A H73    1 
ATOM   317 H H6     . DT  A 1 10 ? -7.808  -1.191  10.660  1.00 0.00 ? 10 DT  A H6     1 
ATOM   318 P P      . DC  A 1 11 ? -13.786 -0.457  10.475  1.00 0.00 ? 11 DC  A P      1 
ATOM   319 O OP1    . DC  A 1 11 ? -14.975 0.352   10.146  1.00 0.00 ? 11 DC  A OP1    1 
ATOM   320 O OP2    . DC  A 1 11 ? -13.514 -0.784  11.901  1.00 0.00 ? 11 DC  A OP2    1 
ATOM   321 O "O5'"  . DC  A 1 11 ? -13.880 -1.827  9.646   1.00 0.00 ? 11 DC  A "O5'"  1 
ATOM   322 C "C5'"  . DC  A 1 11 ? -14.140 -1.835  8.250   1.00 0.00 ? 11 DC  A "C5'"  1 
ATOM   323 C "C4'"  . DC  A 1 11 ? -14.001 -3.233  7.649   1.00 0.00 ? 11 DC  A "C4'"  1 
ATOM   324 O "O4'"  . DC  A 1 11 ? -12.629 -3.631  7.707   1.00 0.00 ? 11 DC  A "O4'"  1 
ATOM   325 C "C3'"  . DC  A 1 11 ? -14.816 -4.310  8.379   1.00 0.00 ? 11 DC  A "C3'"  1 
ATOM   326 O "O3'"  . DC  A 1 11 ? -15.749 -4.884  7.457   1.00 0.00 ? 11 DC  A "O3'"  1 
ATOM   327 C "C2'"  . DC  A 1 11 ? -13.756 -5.295  8.868   1.00 0.00 ? 11 DC  A "C2'"  1 
ATOM   328 C "C1'"  . DC  A 1 11 ? -12.560 -5.028  7.961   1.00 0.00 ? 11 DC  A "C1'"  1 
ATOM   329 N N1     . DC  A 1 11 ? -11.242 -5.386  8.569   1.00 0.00 ? 11 DC  A N1     1 
ATOM   330 C C2     . DC  A 1 11 ? -10.422 -6.324  7.923   1.00 0.00 ? 11 DC  A C2     1 
ATOM   331 O O2     . DC  A 1 11 ? -10.794 -6.958  6.927   1.00 0.00 ? 11 DC  A O2     1 
ATOM   332 N N3     . DC  A 1 11 ? -9.203  -6.636  8.404   1.00 0.00 ? 11 DC  A N3     1 
ATOM   333 C C4     . DC  A 1 11 ? -8.782  -5.978  9.476   1.00 0.00 ? 11 DC  A C4     1 
ATOM   334 N N4     . DC  A 1 11 ? -7.578  -6.295  9.889   1.00 0.00 ? 11 DC  A N4     1 
ATOM   335 C C5     . DC  A 1 11 ? -9.567  -5.053  10.202  1.00 0.00 ? 11 DC  A C5     1 
ATOM   336 C C6     . DC  A 1 11 ? -10.791 -4.756  9.699   1.00 0.00 ? 11 DC  A C6     1 
ATOM   337 H "H5'"  . DC  A 1 11 ? -13.472 -1.148  7.732   1.00 0.00 ? 11 DC  A "H5'"  1 
ATOM   338 H "H5''" . DC  A 1 11 ? -15.165 -1.508  8.073   1.00 0.00 ? 11 DC  A "H5''" 1 
ATOM   339 H "H4'"  . DC  A 1 11 ? -14.322 -3.192  6.609   1.00 0.00 ? 11 DC  A "H4'"  1 
ATOM   340 H "H3'"  . DC  A 1 11 ? -15.342 -3.862  9.222   1.00 0.00 ? 11 DC  A "H3'"  1 
ATOM   341 H "H2'"  . DC  A 1 11 ? -13.520 -5.079  9.911   1.00 0.00 ? 11 DC  A "H2'"  1 
ATOM   342 H "H2''" . DC  A 1 11 ? -14.066 -6.336  8.786   1.00 0.00 ? 11 DC  A "H2''" 1 
ATOM   343 H "H1'"  . DC  A 1 11 ? -12.709 -5.567  7.025   1.00 0.00 ? 11 DC  A "H1'"  1 
ATOM   344 H H41    . DC  A 1 11 ? -7.187  -5.868  10.717  1.00 0.00 ? 11 DC  A H41    1 
ATOM   345 H H42    . DC  A 1 11 ? -7.084  -7.021  9.392   1.00 0.00 ? 11 DC  A H42    1 
ATOM   346 H H5     . DC  A 1 11 ? -9.194  -4.590  11.104  1.00 0.00 ? 11 DC  A H5     1 
ATOM   347 H H6     . DC  A 1 11 ? -11.430 -4.027  10.178  1.00 0.00 ? 11 DC  A H6     1 
ATOM   348 P P      . DC  A 1 12 ? -16.949 -5.857  7.917   1.00 0.00 ? 12 DC  A P      1 
ATOM   349 O OP1    . DC  A 1 12 ? -17.976 -5.843  6.845   1.00 0.00 ? 12 DC  A OP1    1 
ATOM   350 O OP2    . DC  A 1 12 ? -17.343 -5.503  9.310   1.00 0.00 ? 12 DC  A OP2    1 
ATOM   351 O "O5'"  . DC  A 1 12 ? -16.275 -7.327  7.949   1.00 0.00 ? 12 DC  A "O5'"  1 
ATOM   352 C "C5'"  . DC  A 1 12 ? -15.980 -8.016  6.740   1.00 0.00 ? 12 DC  A "C5'"  1 
ATOM   353 C "C4'"  . DC  A 1 12 ? -15.167 -9.299  6.954   1.00 0.00 ? 12 DC  A "C4'"  1 
ATOM   354 O "O4'"  . DC  A 1 12 ? -13.808 -8.985  7.238   1.00 0.00 ? 12 DC  A "O4'"  1 
ATOM   355 C "C3'"  . DC  A 1 12 ? -15.620 -10.183 8.130   1.00 0.00 ? 12 DC  A "C3'"  1 
ATOM   356 O "O3'"  . DC  A 1 12 ? -16.666 -11.097 7.783   1.00 0.00 ? 12 DC  A "O3'"  1 
ATOM   357 C "C2'"  . DC  A 1 12 ? -14.346 -10.958 8.427   1.00 0.00 ? 12 DC  A "C2'"  1 
ATOM   358 C "C1'"  . DC  A 1 12 ? -13.205 -10.130 7.803   1.00 0.00 ? 12 DC  A "C1'"  1 
ATOM   359 N N1     . DC  A 1 12 ? -12.190 -9.717  8.820   1.00 0.00 ? 12 DC  A N1     1 
ATOM   360 C C2     . DC  A 1 12 ? -10.924 -10.308 8.812   1.00 0.00 ? 12 DC  A C2     1 
ATOM   361 O O2     . DC  A 1 12 ? -10.618 -11.183 7.995   1.00 0.00 ? 12 DC  A O2     1 
ATOM   362 N N3     . DC  A 1 12 ? -9.987  -9.982  9.718   1.00 0.00 ? 12 DC  A N3     1 
ATOM   363 C C4     . DC  A 1 12 ? -10.274 -9.059  10.628  1.00 0.00 ? 12 DC  A C4     1 
ATOM   364 N N4     . DC  A 1 12 ? -9.325  -8.759  11.463  1.00 0.00 ? 12 DC  A N4     1 
ATOM   365 C C5     . DC  A 1 12 ? -11.538 -8.414  10.719  1.00 0.00 ? 12 DC  A C5     1 
ATOM   366 C C6     . DC  A 1 12 ? -12.482 -8.770  9.801   1.00 0.00 ? 12 DC  A C6     1 
ATOM   367 H "H5'"  . DC  A 1 12 ? -15.432 -7.338  6.086   1.00 0.00 ? 12 DC  A "H5'"  1 
ATOM   368 H "H5''" . DC  A 1 12 ? -16.910 -8.279  6.236   1.00 0.00 ? 12 DC  A "H5''" 1 
ATOM   369 H "H4'"  . DC  A 1 12 ? -15.209 -9.883  6.036   1.00 0.00 ? 12 DC  A "H4'"  1 
ATOM   370 H "H3'"  . DC  A 1 12 ? -15.878 -9.539  8.970   1.00 0.00 ? 12 DC  A "H3'"  1 
ATOM   371 H "HO3'" . DC  A 1 12 ? -17.517 -10.688 7.957   1.00 0.00 ? 12 DC  A "HO3'" 1 
ATOM   372 H "H2'"  . DC  A 1 12 ? -14.212 -11.072 9.504   1.00 0.00 ? 12 DC  A "H2'"  1 
ATOM   373 H "H2''" . DC  A 1 12 ? -14.386 -11.949 7.977   1.00 0.00 ? 12 DC  A "H2''" 1 
ATOM   374 H "H1'"  . DC  A 1 12 ? -12.743 -10.726 7.015   1.00 0.00 ? 12 DC  A "H1'"  1 
ATOM   375 H H41    . DC  A 1 12 ? -9.517  -8.083  12.190  1.00 0.00 ? 12 DC  A H41    1 
ATOM   376 H H42    . DC  A 1 12 ? -8.436  -9.226  11.359  1.00 0.00 ? 12 DC  A H42    1 
ATOM   377 H H5     . DC  A 1 12 ? -11.740 -7.673  11.479  1.00 0.00 ? 12 DC  A H5     1 
ATOM   378 H H6     . DC  A 1 12 ? -13.465 -8.322  9.824   1.00 0.00 ? 12 DC  A H6     1 
ATOM   379 O "O5'"  . DG  B 2 1  ? -0.542  -14.247 10.434  1.00 0.00 ? 13 DG  B "O5'"  1 
ATOM   380 C "C5'"  . DG  B 2 1  ? -0.597  -15.654 10.164  1.00 0.00 ? 13 DG  B "C5'"  1 
ATOM   381 C "C4'"  . DG  B 2 1  ? -1.898  -16.105 9.473   1.00 0.00 ? 13 DG  B "C4'"  1 
ATOM   382 O "O4'"  . DG  B 2 1  ? -2.997  -15.994 10.386  1.00 0.00 ? 13 DG  B "O4'"  1 
ATOM   383 C "C3'"  . DG  B 2 1  ? -2.265  -15.287 8.224   1.00 0.00 ? 13 DG  B "C3'"  1 
ATOM   384 O "O3'"  . DG  B 2 1  ? -1.678  -15.838 7.051   1.00 0.00 ? 13 DG  B "O3'"  1 
ATOM   385 C "C2'"  . DG  B 2 1  ? -3.771  -15.467 8.225   1.00 0.00 ? 13 DG  B "C2'"  1 
ATOM   386 C "C1'"  . DG  B 2 1  ? -4.136  -15.480 9.713   1.00 0.00 ? 13 DG  B "C1'"  1 
ATOM   387 N N9     . DG  B 2 1  ? -4.420  -14.106 10.216  1.00 0.00 ? 13 DG  B N9     1 
ATOM   388 C C8     . DG  B 2 1  ? -3.702  -13.339 11.095  1.00 0.00 ? 13 DG  B C8     1 
ATOM   389 N N7     . DG  B 2 1  ? -4.290  -12.201 11.410  1.00 0.00 ? 13 DG  B N7     1 
ATOM   390 C C5     . DG  B 2 1  ? -5.482  -12.220 10.656  1.00 0.00 ? 13 DG  B C5     1 
ATOM   391 C C6     . DG  B 2 1  ? -6.569  -11.287 10.567  1.00 0.00 ? 13 DG  B C6     1 
ATOM   392 O O6     . DG  B 2 1  ? -6.750  -10.227 11.152  1.00 0.00 ? 13 DG  B O6     1 
ATOM   393 N N1     . DG  B 2 1  ? -7.566  -11.680 9.704   1.00 0.00 ? 13 DG  B N1     1 
ATOM   394 C C2     . DG  B 2 1  ? -7.545  -12.853 9.027   1.00 0.00 ? 13 DG  B C2     1 
ATOM   395 N N2     . DG  B 2 1  ? -8.537  -13.094 8.203   1.00 0.00 ? 13 DG  B N2     1 
ATOM   396 N N3     . DG  B 2 1  ? -6.562  -13.758 9.074   1.00 0.00 ? 13 DG  B N3     1 
ATOM   397 C C4     . DG  B 2 1  ? -5.559  -13.381 9.920   1.00 0.00 ? 13 DG  B C4     1 
ATOM   398 H "H5'"  . DG  B 2 1  ? -0.480  -16.221 11.088  1.00 0.00 ? 13 DG  B "H5'"  1 
ATOM   399 H "H5''" . DG  B 2 1  ? 0.243   -15.934 9.529   1.00 0.00 ? 13 DG  B "H5''" 1 
ATOM   400 H "H4'"  . DG  B 2 1  ? -1.814  -17.150 9.175   1.00 0.00 ? 13 DG  B "H4'"  1 
ATOM   401 H "H3'"  . DG  B 2 1  ? -2.013  -14.240 8.396   1.00 0.00 ? 13 DG  B "H3'"  1 
ATOM   402 H "H2'"  . DG  B 2 1  ? -4.268  -14.665 7.680   1.00 0.00 ? 13 DG  B "H2'"  1 
ATOM   403 H "H2''" . DG  B 2 1  ? -4.042  -16.436 7.807   1.00 0.00 ? 13 DG  B "H2''" 1 
ATOM   404 H "H1'"  . DG  B 2 1  ? -5.008  -16.116 9.867   1.00 0.00 ? 13 DG  B "H1'"  1 
ATOM   405 H H8     . DG  B 2 1  ? -2.754  -13.663 11.498  1.00 0.00 ? 13 DG  B H8     1 
ATOM   406 H H1     . DG  B 2 1  ? -8.390  -11.098 9.664   1.00 0.00 ? 13 DG  B H1     1 
ATOM   407 H H21    . DG  B 2 1  ? -8.501  -13.908 7.606   1.00 0.00 ? 13 DG  B H21    1 
ATOM   408 H H22    . DG  B 2 1  ? -9.303  -12.439 8.146   1.00 0.00 ? 13 DG  B H22    1 
ATOM   409 H "HO5'" . DG  B 2 1  ? 0.302   -14.037 10.840  1.00 0.00 ? 13 DG  B "HO5'" 1 
ATOM   410 P P      . DG  B 2 2  ? -1.452  -14.983 5.693   1.00 0.00 ? 14 DG  B P      1 
ATOM   411 O OP1    . DG  B 2 2  ? -0.759  -15.818 4.691   1.00 0.00 ? 14 DG  B OP1    1 
ATOM   412 O OP2    . DG  B 2 2  ? -0.845  -13.672 6.057   1.00 0.00 ? 14 DG  B OP2    1 
ATOM   413 O "O5'"  . DG  B 2 2  ? -2.943  -14.662 5.139   1.00 0.00 ? 14 DG  B "O5'"  1 
ATOM   414 C "C5'"  . DG  B 2 2  ? -3.858  -15.684 4.760   1.00 0.00 ? 14 DG  B "C5'"  1 
ATOM   415 C "C4'"  . DG  B 2 2  ? -5.197  -15.147 4.207   1.00 0.00 ? 14 DG  B "C4'"  1 
ATOM   416 O "O4'"  . DG  B 2 2  ? -5.859  -14.388 5.209   1.00 0.00 ? 14 DG  B "O4'"  1 
ATOM   417 C "C3'"  . DG  B 2 2  ? -5.058  -14.271 2.954   1.00 0.00 ? 14 DG  B "C3'"  1 
ATOM   418 O "O3'"  . DG  B 2 2  ? -6.124  -14.553 2.053   1.00 0.00 ? 14 DG  B "O3'"  1 
ATOM   419 C "C2'"  . DG  B 2 2  ? -5.108  -12.873 3.567   1.00 0.00 ? 14 DG  B "C2'"  1 
ATOM   420 C "C1'"  . DG  B 2 2  ? -6.085  -13.060 4.717   1.00 0.00 ? 14 DG  B "C1'"  1 
ATOM   421 N N9     . DG  B 2 2  ? -5.846  -12.060 5.769   1.00 0.00 ? 14 DG  B N9     1 
ATOM   422 C C8     . DG  B 2 2  ? -4.756  -11.940 6.584   1.00 0.00 ? 14 DG  B C8     1 
ATOM   423 N N7     . DG  B 2 2  ? -4.761  -10.893 7.373   1.00 0.00 ? 14 DG  B N7     1 
ATOM   424 C C5     . DG  B 2 2  ? -6.013  -10.317 7.095   1.00 0.00 ? 14 DG  B C5     1 
ATOM   425 C C6     . DG  B 2 2  ? -6.637  -9.159  7.671   1.00 0.00 ? 14 DG  B C6     1 
ATOM   426 O O6     . DG  B 2 2  ? -6.238  -8.424  8.567   1.00 0.00 ? 14 DG  B O6     1 
ATOM   427 N N1     . DG  B 2 2  ? -7.888  -8.886  7.115   1.00 0.00 ? 14 DG  B N1     1 
ATOM   428 C C2     . DG  B 2 2  ? -8.418  -9.608  6.088   1.00 0.00 ? 14 DG  B C2     1 
ATOM   429 N N2     . DG  B 2 2  ? -9.559  -9.216  5.587   1.00 0.00 ? 14 DG  B N2     1 
ATOM   430 N N3     . DG  B 2 2  ? -7.862  -10.679 5.547   1.00 0.00 ? 14 DG  B N3     1 
ATOM   431 C C4     . DG  B 2 2  ? -6.657  -11.004 6.094   1.00 0.00 ? 14 DG  B C4     1 
ATOM   432 H "H5'"  . DG  B 2 2  ? -4.051  -16.333 5.615   1.00 0.00 ? 14 DG  B "H5'"  1 
ATOM   433 H "H5''" . DG  B 2 2  ? -3.442  -16.346 4.000   1.00 0.00 ? 14 DG  B "H5''" 1 
ATOM   434 H "H4'"  . DG  B 2 2  ? -5.812  -16.010 3.949   1.00 0.00 ? 14 DG  B "H4'"  1 
ATOM   435 H "H3'"  . DG  B 2 2  ? -4.102  -14.484 2.473   1.00 0.00 ? 14 DG  B "H3'"  1 
ATOM   436 H "H2'"  . DG  B 2 2  ? -4.118  -12.573 3.911   1.00 0.00 ? 14 DG  B "H2'"  1 
ATOM   437 H "H2''" . DG  B 2 2  ? -5.510  -12.139 2.868   1.00 0.00 ? 14 DG  B "H2''" 1 
ATOM   438 H "H1'"  . DG  B 2 2  ? -7.096  -12.947 4.329   1.00 0.00 ? 14 DG  B "H1'"  1 
ATOM   439 H H8     . DG  B 2 2  ? -3.944  -12.648 6.505   1.00 0.00 ? 14 DG  B H8     1 
ATOM   440 H H1     . DG  B 2 2  ? -8.378  -8.080  7.476   1.00 0.00 ? 14 DG  B H1     1 
ATOM   441 H H21    . DG  B 2 2  ? -9.922  -9.700  4.778   1.00 0.00 ? 14 DG  B H21    1 
ATOM   442 H H22    . DG  B 2 2  ? -10.043 -8.426  5.989   1.00 0.00 ? 14 DG  B H22    1 
ATOM   443 P P      . DA  B 2 3  ? -6.087  -14.038 0.535   1.00 0.00 ? 15 DA  B P      1 
ATOM   444 O OP1    . DA  B 2 3  ? -7.017  -14.872 -0.259  1.00 0.00 ? 15 DA  B OP1    1 
ATOM   445 O OP2    . DA  B 2 3  ? -4.658  -13.976 0.104   1.00 0.00 ? 15 DA  B OP2    1 
ATOM   446 O "O5'"  . DA  B 2 3  ? -6.663  -12.549 0.608   1.00 0.00 ? 15 DA  B "O5'"  1 
ATOM   447 C "C5'"  . DA  B 2 3  ? -8.043  -12.295 0.872   1.00 0.00 ? 15 DA  B "C5'"  1 
ATOM   448 C "C4'"  . DA  B 2 3  ? -8.413  -10.793 0.941   1.00 0.00 ? 15 DA  B "C4'"  1 
ATOM   449 O "O4'"  . DA  B 2 3  ? -7.990  -10.238 2.185   1.00 0.00 ? 15 DA  B "O4'"  1 
ATOM   450 C "C3'"  . DA  B 2 3  ? -7.758  -9.959  -0.176  1.00 0.00 ? 15 DA  B "C3'"  1 
ATOM   451 O "O3'"  . DA  B 2 3  ? -8.674  -9.030  -0.758  1.00 0.00 ? 15 DA  B "O3'"  1 
ATOM   452 C "C2'"  . DA  B 2 3  ? -6.646  -9.260  0.601   1.00 0.00 ? 15 DA  B "C2'"  1 
ATOM   453 C "C1'"  . DA  B 2 3  ? -7.356  -9.001  1.925   1.00 0.00 ? 15 DA  B "C1'"  1 
ATOM   454 N N9     . DA  B 2 3  ? -6.466  -8.601  3.031   1.00 0.00 ? 15 DA  B N9     1 
ATOM   455 C C8     . DA  B 2 3  ? -5.192  -9.057  3.310   1.00 0.00 ? 15 DA  B C8     1 
ATOM   456 N N7     . DA  B 2 3  ? -4.629  -8.473  4.351   1.00 0.00 ? 15 DA  B N7     1 
ATOM   457 C C5     . DA  B 2 3  ? -5.613  -7.530  4.737   1.00 0.00 ? 15 DA  B C5     1 
ATOM   458 C C6     . DA  B 2 3  ? -5.711  -6.547  5.749   1.00 0.00 ? 15 DA  B C6     1 
ATOM   459 N N6     . DA  B 2 3  ? -4.772  -6.295  6.656   1.00 0.00 ? 15 DA  B N6     1 
ATOM   460 N N1     . DA  B 2 3  ? -6.799  -5.769  5.864   1.00 0.00 ? 15 DA  B N1     1 
ATOM   461 C C2     . DA  B 2 3  ? -7.775  -5.938  4.981   1.00 0.00 ? 15 DA  B C2     1 
ATOM   462 N N3     . DA  B 2 3  ? -7.832  -6.790  3.967   1.00 0.00 ? 15 DA  B N3     1 
ATOM   463 C C4     . DA  B 2 3  ? -6.725  -7.595  3.921   1.00 0.00 ? 15 DA  B C4     1 
ATOM   464 H "H5'"  . DA  B 2 3  ? -8.323  -12.759 1.818   1.00 0.00 ? 15 DA  B "H5'"  1 
ATOM   465 H "H5''" . DA  B 2 3  ? -8.628  -12.751 0.074   1.00 0.00 ? 15 DA  B "H5''" 1 
ATOM   466 H "H4'"  . DA  B 2 3  ? -9.497  -10.708 0.869   1.00 0.00 ? 15 DA  B "H4'"  1 
ATOM   467 H "H3'"  . DA  B 2 3  ? -7.329  -10.617 -0.933  1.00 0.00 ? 15 DA  B "H3'"  1 
ATOM   468 H "H2'"  . DA  B 2 3  ? -5.788  -9.916  0.746   1.00 0.00 ? 15 DA  B "H2'"  1 
ATOM   469 H "H2''" . DA  B 2 3  ? -6.342  -8.341  0.100   1.00 0.00 ? 15 DA  B "H2''" 1 
ATOM   470 H "H1'"  . DA  B 2 3  ? -8.120  -8.234  1.792   1.00 0.00 ? 15 DA  B "H1'"  1 
ATOM   471 H H8     . DA  B 2 3  ? -4.726  -9.847  2.741   1.00 0.00 ? 15 DA  B H8     1 
ATOM   472 H H61    . DA  B 2 3  ? -3.905  -6.813  6.623   1.00 0.00 ? 15 DA  B H61    1 
ATOM   473 H H62    . DA  B 2 3  ? -4.941  -5.583  7.352   1.00 0.00 ? 15 DA  B H62    1 
ATOM   474 H H2     . DA  B 2 3  ? -8.626  -5.279  5.076   1.00 0.00 ? 15 DA  B H2     1 
ATOM   475 P P      . DC  B 2 4  ? -8.410  -8.227  -2.140  1.00 0.00 ? 16 DC  B P      1 
ATOM   476 O OP1    . DC  B 2 4  ? -9.390  -8.719  -3.147  1.00 0.00 ? 16 DC  B OP1    1 
ATOM   477 O OP2    . DC  B 2 4  ? -6.960  -8.259  -2.471  1.00 0.00 ? 16 DC  B OP2    1 
ATOM   478 O "O5'"  . DC  B 2 4  ? -8.794  -6.727  -1.714  1.00 0.00 ? 16 DC  B "O5'"  1 
ATOM   479 C "C5'"  . DC  B 2 4  ? -10.138 -6.365  -1.410  1.00 0.00 ? 16 DC  B "C5'"  1 
ATOM   480 C "C4'"  . DC  B 2 4  ? -10.177 -5.046  -0.629  1.00 0.00 ? 16 DC  B "C4'"  1 
ATOM   481 O "O4'"  . DC  B 2 4  ? -9.379  -5.199  0.548   1.00 0.00 ? 16 DC  B "O4'"  1 
ATOM   482 C "C3'"  . DC  B 2 4  ? -9.655  -3.839  -1.432  1.00 0.00 ? 16 DC  B "C3'"  1 
ATOM   483 O "O3'"  . DC  B 2 4  ? -10.624 -2.794  -1.320  1.00 0.00 ? 16 DC  B "O3'"  1 
ATOM   484 C "C2'"  . DC  B 2 4  ? -8.335  -3.512  -0.726  1.00 0.00 ? 16 DC  B "C2'"  1 
ATOM   485 C "C1'"  . DC  B 2 4  ? -8.557  -4.033  0.685   1.00 0.00 ? 16 DC  B "C1'"  1 
ATOM   486 N N1     . DC  B 2 4  ? -7.280  -4.396  1.370   1.00 0.00 ? 16 DC  B N1     1 
ATOM   487 C C2     . DC  B 2 4  ? -6.883  -3.632  2.471   1.00 0.00 ? 16 DC  B C2     1 
ATOM   488 O O2     . DC  B 2 4  ? -7.567  -2.715  2.905   1.00 0.00 ? 16 DC  B O2     1 
ATOM   489 N N3     . DC  B 2 4  ? -5.715  -3.888  3.115   1.00 0.00 ? 16 DC  B N3     1 
ATOM   490 C C4     . DC  B 2 4  ? -4.980  -4.874  2.665   1.00 0.00 ? 16 DC  B C4     1 
ATOM   491 N N4     . DC  B 2 4  ? -3.858  -5.061  3.316   1.00 0.00 ? 16 DC  B N4     1 
ATOM   492 C C5     . DC  B 2 4  ? -5.314  -5.695  1.555   1.00 0.00 ? 16 DC  B C5     1 
ATOM   493 C C6     . DC  B 2 4  ? -6.490  -5.420  0.920   1.00 0.00 ? 16 DC  B C6     1 
ATOM   494 H "H5'"  . DC  B 2 4  ? -10.616 -7.127  -0.795  1.00 0.00 ? 16 DC  B "H5'"  1 
ATOM   495 H "H5''" . DC  B 2 4  ? -10.728 -6.248  -2.320  1.00 0.00 ? 16 DC  B "H5''" 1 
ATOM   496 H "H4'"  . DC  B 2 4  ? -11.204 -4.847  -0.322  1.00 0.00 ? 16 DC  B "H4'"  1 
ATOM   497 H "H3'"  . DC  B 2 4  ? -9.449  -4.112  -2.466  1.00 0.00 ? 16 DC  B "H3'"  1 
ATOM   498 H "H2'"  . DC  B 2 4  ? -7.525  -4.032  -1.240  1.00 0.00 ? 16 DC  B "H2'"  1 
ATOM   499 H "H2''" . DC  B 2 4  ? -8.092  -2.450  -0.720  1.00 0.00 ? 16 DC  B "H2''" 1 
ATOM   500 H "H1'"  . DC  B 2 4  ? -9.106  -3.300  1.276   1.00 0.00 ? 16 DC  B "H1'"  1 
ATOM   501 H H41    . DC  B 2 4  ? -3.250  -5.812  3.023   1.00 0.00 ? 16 DC  B H41    1 
ATOM   502 H H42    . DC  B 2 4  ? -3.683  -4.427  4.083   1.00 0.00 ? 16 DC  B H42    1 
ATOM   503 H H5     . DC  B 2 4  ? -4.692  -6.508  1.212   1.00 0.00 ? 16 DC  B H5     1 
ATOM   504 H H6     . DC  B 2 4  ? -6.785  -6.023  0.075   1.00 0.00 ? 16 DC  B H6     1 
ATOM   505 P P      . DT  B 2 5  ? -10.482 -1.349  -2.022  1.00 0.00 ? 17 DT  B P      1 
ATOM   506 O OP1    . DT  B 2 5  ? -11.857 -0.812  -2.221  1.00 0.00 ? 17 DT  B OP1    1 
ATOM   507 O OP2    . DT  B 2 5  ? -9.610  -1.523  -3.232  1.00 0.00 ? 17 DT  B OP2    1 
ATOM   508 O "O5'"  . DT  B 2 5  ? -9.673  -0.447  -0.955  1.00 0.00 ? 17 DT  B "O5'"  1 
ATOM   509 C "C5'"  . DT  B 2 5  ? -10.275 -0.064  0.270   1.00 0.00 ? 17 DT  B "C5'"  1 
ATOM   510 C "C4'"  . DT  B 2 5  ? -9.435  0.928   1.107   1.00 0.00 ? 17 DT  B "C4'"  1 
ATOM   511 O "O4'"  . DT  B 2 5  ? -8.335  0.235   1.681   1.00 0.00 ? 17 DT  B "O4'"  1 
ATOM   512 C "C3'"  . DT  B 2 5  ? -8.881  2.131   0.322   1.00 0.00 ? 17 DT  B "C3'"  1 
ATOM   513 O "O3'"  . DT  B 2 5  ? -9.315  3.349   0.944   1.00 0.00 ? 17 DT  B "O3'"  1 
ATOM   514 C "C2'"  . DT  B 2 5  ? -7.370  1.961   0.438   1.00 0.00 ? 17 DT  B "C2'"  1 
ATOM   515 C "C1'"  . DT  B 2 5  ? -7.241  1.141   1.719   1.00 0.00 ? 17 DT  B "C1'"  1 
ATOM   516 N N1     . DT  B 2 5  ? -5.955  0.416   1.781   1.00 0.00 ? 17 DT  B N1     1 
ATOM   517 C C2     . DT  B 2 5  ? -5.011  0.773   2.764   1.00 0.00 ? 17 DT  B C2     1 
ATOM   518 O O2     . DT  B 2 5  ? -5.193  1.640   3.616   1.00 0.00 ? 17 DT  B O2     1 
ATOM   519 N N3     . DT  B 2 5  ? -3.828  0.093   2.771   1.00 0.00 ? 17 DT  B N3     1 
ATOM   520 C C4     . DT  B 2 5  ? -3.493  -0.929  1.920   1.00 0.00 ? 17 DT  B C4     1 
ATOM   521 O O4     . DT  B 2 5  ? -2.412  -1.502  2.070   1.00 0.00 ? 17 DT  B O4     1 
ATOM   522 C C5     . DT  B 2 5  ? -4.500  -1.252  0.904   1.00 0.00 ? 17 DT  B C5     1 
ATOM   523 C C7     . DT  B 2 5  ? -4.216  -2.339  -0.130  1.00 0.00 ? 17 DT  B C7     1 
ATOM   524 C C6     . DT  B 2 5  ? -5.683  -0.581  0.862   1.00 0.00 ? 17 DT  B C6     1 
ATOM   525 H "H5'"  . DT  B 2 5  ? -10.455 -0.928  0.910   1.00 0.00 ? 17 DT  B "H5'"  1 
ATOM   526 H "H5''" . DT  B 2 5  ? -11.230 0.406   0.040   1.00 0.00 ? 17 DT  B "H5''" 1 
ATOM   527 H "H4'"  . DT  B 2 5  ? -10.060 1.297   1.920   1.00 0.00 ? 17 DT  B "H4'"  1 
ATOM   528 H "H3'"  . DT  B 2 5  ? -9.184  2.084   -0.723  1.00 0.00 ? 17 DT  B "H3'"  1 
ATOM   529 H "H2'"  . DT  B 2 5  ? -7.004  1.401   -0.423  1.00 0.00 ? 17 DT  B "H2'"  1 
ATOM   530 H "H2''" . DT  B 2 5  ? -6.822  2.901   0.503   1.00 0.00 ? 17 DT  B "H2''" 1 
ATOM   531 H "H1'"  . DT  B 2 5  ? -7.370  1.801   2.576   1.00 0.00 ? 17 DT  B "H1'"  1 
ATOM   532 H H3     . DT  B 2 5  ? -3.151  0.351   3.474   1.00 0.00 ? 17 DT  B H3     1 
ATOM   533 H H71    . DT  B 2 5  ? -4.074  -3.286  0.390   1.00 0.00 ? 17 DT  B H71    1 
ATOM   534 H H72    . DT  B 2 5  ? -5.055  -2.439  -0.820  1.00 0.00 ? 17 DT  B H72    1 
ATOM   535 H H73    . DT  B 2 5  ? -3.293  -2.082  -0.650  1.00 0.00 ? 17 DT  B H73    1 
ATOM   536 H H6     . DT  B 2 5  ? -6.451  -0.826  0.144   1.00 0.00 ? 17 DT  B H6     1 
ATOM   537 P P      . DT  B 2 6  ? -9.101  4.812   0.283   1.00 0.00 ? 18 DT  B P      1 
ATOM   538 O OP1    . DT  B 2 6  ? -10.170 5.691   0.822   1.00 0.00 ? 18 DT  B OP1    1 
ATOM   539 O OP2    . DT  B 2 6  ? -8.964  4.645   -1.192  1.00 0.00 ? 18 DT  B OP2    1 
ATOM   540 O "O5'"  . DT  B 2 6  ? -7.677  5.294   0.864   1.00 0.00 ? 18 DT  B "O5'"  1 
ATOM   541 C "C5'"  . DT  B 2 6  ? -7.485  5.622   2.246   1.00 0.00 ? 18 DT  B "C5'"  1 
ATOM   542 C "C4'"  . DT  B 2 6  ? -6.033  5.911   2.623   1.00 0.00 ? 18 DT  B "C4'"  1 
ATOM   543 O "O4'"  . DT  B 2 6  ? -5.254  4.747   2.503   1.00 0.00 ? 18 DT  B "O4'"  1 
ATOM   544 C "C3'"  . DT  B 2 6  ? -5.398  7.003   1.747   1.00 0.00 ? 18 DT  B "C3'"  1 
ATOM   545 O "O3'"  . DT  B 2 6  ? -5.251  8.171   2.552   1.00 0.00 ? 18 DT  B "O3'"  1 
ATOM   546 C "C2'"  . DT  B 2 6  ? -4.070  6.392   1.302   1.00 0.00 ? 18 DT  B "C2'"  1 
ATOM   547 C "C1'"  . DT  B 2 6  ? -3.938  5.130   2.163   1.00 0.00 ? 18 DT  B "C1'"  1 
ATOM   548 N N1     . DT  B 2 6  ? -3.259  4.005   1.443   1.00 0.00 ? 18 DT  B N1     1 
ATOM   549 C C2     . DT  B 2 6  ? -2.059  3.513   1.982   1.00 0.00 ? 18 DT  B C2     1 
ATOM   550 O O2     . DT  B 2 6  ? -1.463  4.031   2.924   1.00 0.00 ? 18 DT  B O2     1 
ATOM   551 N N3     . DT  B 2 6  ? -1.544  2.387   1.368   1.00 0.00 ? 18 DT  B N3     1 
ATOM   552 C C4     . DT  B 2 6  ? -2.063  1.742   0.263   1.00 0.00 ? 18 DT  B C4     1 
ATOM   553 O O4     . DT  B 2 6  ? -1.477  0.758   -0.181  1.00 0.00 ? 18 DT  B O4     1 
ATOM   554 C C5     . DT  B 2 6  ? -3.295  2.350   -0.263  1.00 0.00 ? 18 DT  B C5     1 
ATOM   555 C C7     . DT  B 2 6  ? -3.965  1.771   -1.487  1.00 0.00 ? 18 DT  B C7     1 
ATOM   556 C C6     . DT  B 2 6  ? -3.843  3.430   0.340   1.00 0.00 ? 18 DT  B C6     1 
ATOM   557 H "H5'"  . DT  B 2 6  ? -7.858  4.812   2.875   1.00 0.00 ? 18 DT  B "H5'"  1 
ATOM   558 H "H5''" . DT  B 2 6  ? -8.063  6.519   2.468   1.00 0.00 ? 18 DT  B "H5''" 1 
ATOM   559 H "H4'"  . DT  B 2 6  ? -5.983  6.232   3.664   1.00 0.00 ? 18 DT  B "H4'"  1 
ATOM   560 H "H3'"  . DT  B 2 6  ? -6.008  7.190   0.863   1.00 0.00 ? 18 DT  B "H3'"  1 
ATOM   561 H "H2'"  . DT  B 2 6  ? -4.083  6.157   0.237   1.00 0.00 ? 18 DT  B "H2'"  1 
ATOM   562 H "H2''" . DT  B 2 6  ? -3.220  7.044   1.505   1.00 0.00 ? 18 DT  B "H2''" 1 
ATOM   563 H "H1'"  . DT  B 2 6  ? -3.400  5.365   3.082   1.00 0.00 ? 18 DT  B "H1'"  1 
ATOM   564 H H3     . DT  B 2 6  ? -0.737  1.960   1.797   1.00 0.00 ? 18 DT  B H3     1 
ATOM   565 H H71    . DT  B 2 6  ? -4.904  2.278   -1.708  1.00 0.00 ? 18 DT  B H71    1 
ATOM   566 H H72    . DT  B 2 6  ? -3.298  1.879   -2.342  1.00 0.00 ? 18 DT  B H72    1 
ATOM   567 H H73    . DT  B 2 6  ? -4.136  0.706   -1.329  1.00 0.00 ? 18 DT  B H73    1 
ATOM   568 H H6     . DT  B 2 6  ? -4.758  3.849   -0.051  1.00 0.00 ? 18 DT  B H6     1 
ATOM   569 P P      . DG  B 2 7  ? -4.787  9.627   1.968   1.00 0.00 ? 19 DG  B P      1 
ATOM   570 O OP1    . DG  B 2 7  ? -5.202  10.667  2.936   1.00 0.00 ? 19 DG  B OP1    1 
ATOM   571 O OP2    . DG  B 2 7  ? -5.263  9.745   0.557   1.00 0.00 ? 19 DG  B OP2    1 
ATOM   572 O "O5'"  . DG  B 2 7  ? -3.168  9.542   1.970   1.00 0.00 ? 19 DG  B "O5'"  1 
ATOM   573 C "C5'"  . DG  B 2 7  ? -2.422  9.515   3.179   1.00 0.00 ? 19 DG  B "C5'"  1 
ATOM   574 C "C4'"  . DG  B 2 7  ? -0.926  9.309   2.924   1.00 0.00 ? 19 DG  B "C4'"  1 
ATOM   575 O "O4'"  . DG  B 2 7  ? -0.660  7.951   2.592   1.00 0.00 ? 19 DG  B "O4'"  1 
ATOM   576 C "C3'"  . DG  B 2 7  ? -0.363  10.205  1.791   1.00 0.00 ? 19 DG  B "C3'"  1 
ATOM   577 O "O3'"  . DG  B 2 7  ? 0.596   11.091  2.360   1.00 0.00 ? 19 DG  B "O3'"  1 
ATOM   578 C "C2'"  . DG  B 2 7  ? 0.177   9.166   0.804   1.00 0.00 ? 19 DG  B "C2'"  1 
ATOM   579 C "C1'"  . DG  B 2 7  ? 0.408   7.935   1.652   1.00 0.00 ? 19 DG  B "C1'"  1 
ATOM   580 N N9     . DG  B 2 7  ? 0.422   6.655   0.920   1.00 0.00 ? 19 DG  B N9     1 
ATOM   581 C C8     . DG  B 2 7  ? -0.388  6.232   -0.108  1.00 0.00 ? 19 DG  B C8     1 
ATOM   582 N N7     . DG  B 2 7  ? -0.161  5.003   -0.508  1.00 0.00 ? 19 DG  B N7     1 
ATOM   583 C C5     . DG  B 2 7  ? 0.922   4.597   0.301   1.00 0.00 ? 19 DG  B C5     1 
ATOM   584 C C6     . DG  B 2 7  ? 1.698   3.383   0.335   1.00 0.00 ? 19 DG  B C6     1 
ATOM   585 O O6     . DG  B 2 7  ? 1.543   2.358   -0.325  1.00 0.00 ? 19 DG  B O6     1 
ATOM   586 N N1     . DG  B 2 7  ? 2.752   3.430   1.219   1.00 0.00 ? 19 DG  B N1     1 
ATOM   587 C C2     . DG  B 2 7  ? 3.004   4.477   2.058   1.00 0.00 ? 19 DG  B C2     1 
ATOM   588 N N2     . DG  B 2 7  ? 4.005   4.405   2.895   1.00 0.00 ? 19 DG  B N2     1 
ATOM   589 N N3     . DG  B 2 7  ? 2.315   5.604   2.063   1.00 0.00 ? 19 DG  B N3     1 
ATOM   590 C C4     . DG  B 2 7  ? 1.291   5.618   1.159   1.00 0.00 ? 19 DG  B C4     1 
ATOM   591 H "H5'"  . DG  B 2 7  ? -2.771  8.689   3.799   1.00 0.00 ? 19 DG  B "H5'"  1 
ATOM   592 H "H5''" . DG  B 2 7  ? -2.554  10.447  3.729   1.00 0.00 ? 19 DG  B "H5''" 1 
ATOM   593 H "H4'"  . DG  B 2 7  ? -0.371  9.530   3.835   1.00 0.00 ? 19 DG  B "H4'"  1 
ATOM   594 H "H3'"  . DG  B 2 7  ? -1.166  10.765  1.309   1.00 0.00 ? 19 DG  B "H3'"  1 
ATOM   595 H "H2'"  . DG  B 2 7  ? -0.573  8.968   0.038   1.00 0.00 ? 19 DG  B "H2'"  1 
ATOM   596 H "H2''" . DG  B 2 7  ? 1.102   9.464   0.312   1.00 0.00 ? 19 DG  B "H2''" 1 
ATOM   597 H "H1'"  . DG  B 2 7  ? 1.373   8.061   2.141   1.00 0.00 ? 19 DG  B "H1'"  1 
ATOM   598 H H8     . DG  B 2 7  ? -1.154  6.862   -0.538  1.00 0.00 ? 19 DG  B H8     1 
ATOM   599 H H1     . DG  B 2 7  ? 3.305   2.589   1.300   1.00 0.00 ? 19 DG  B H1     1 
ATOM   600 H H21    . DG  B 2 7  ? 4.195   5.209   3.477   1.00 0.00 ? 19 DG  B H21    1 
ATOM   601 H H22    . DG  B 2 7  ? 4.596   3.586   2.918   1.00 0.00 ? 19 DG  B H22    1 
ATOM   602 P P      . DC  B 2 8  ? 1.536   12.082  1.508   1.00 0.00 ? 20 DC  B P      1 
ATOM   603 O OP1    . DC  B 2 8  ? 1.867   13.260  2.347   1.00 0.00 ? 20 DC  B OP1    1 
ATOM   604 O OP2    . DC  B 2 8  ? 0.982   12.301  0.154   1.00 0.00 ? 20 DC  B OP2    1 
ATOM   605 O "O5'"  . DC  B 2 8  ? 2.878   11.210  1.380   1.00 0.00 ? 20 DC  B "O5'"  1 
ATOM   606 C "C5'"  . DC  B 2 8  ? 3.525   10.734  2.558   1.00 0.00 ? 20 DC  B "C5'"  1 
ATOM   607 C "C4'"  . DC  B 2 8  ? 4.563   9.667   2.234   1.00 0.00 ? 20 DC  B "C4'"  1 
ATOM   608 O "O4'"  . DC  B 2 8  ? 3.948   8.549   1.579   1.00 0.00 ? 20 DC  B "O4'"  1 
ATOM   609 C "C3'"  . DC  B 2 8  ? 5.713   10.160  1.332   1.00 0.00 ? 20 DC  B "C3'"  1 
ATOM   610 O "O3'"  . DC  B 2 8  ? 6.909   10.189  2.097   1.00 0.00 ? 20 DC  B "O3'"  1 
ATOM   611 C "C2'"  . DC  B 2 8  ? 5.701   9.136   0.184   1.00 0.00 ? 20 DC  B "C2'"  1 
ATOM   612 C "C1'"  . DC  B 2 8  ? 4.922   7.954   0.761   1.00 0.00 ? 20 DC  B "C1'"  1 
ATOM   613 N N1     . DC  B 2 8  ? 4.300   7.104   -0.291  1.00 0.00 ? 20 DC  B N1     1 
ATOM   614 C C2     . DC  B 2 8  ? 4.803   5.819   -0.555  1.00 0.00 ? 20 DC  B C2     1 
ATOM   615 O O2     . DC  B 2 8  ? 5.788   5.357   0.026   1.00 0.00 ? 20 DC  B O2     1 
ATOM   616 N N3     . DC  B 2 8  ? 4.218   5.006   -1.477  1.00 0.00 ? 20 DC  B N3     1 
ATOM   617 C C4     . DC  B 2 8  ? 3.175   5.460   -2.133  1.00 0.00 ? 20 DC  B C4     1 
ATOM   618 N N4     . DC  B 2 8  ? 2.602   4.629   -2.961  1.00 0.00 ? 20 DC  B N4     1 
ATOM   619 C C5     . DC  B 2 8  ? 2.632   6.754   -1.929  1.00 0.00 ? 20 DC  B C5     1 
ATOM   620 C C6     . DC  B 2 8  ? 3.214   7.554   -1.013  1.00 0.00 ? 20 DC  B C6     1 
ATOM   621 H "H5'"  . DC  B 2 8  ? 2.786   10.285  3.222   1.00 0.00 ? 20 DC  B "H5'"  1 
ATOM   622 H "H5''" . DC  B 2 8  ? 3.997   11.552  3.104   1.00 0.00 ? 20 DC  B "H5''" 1 
ATOM   623 H "H4'"  . DC  B 2 8  ? 4.967   9.336   3.190   1.00 0.00 ? 20 DC  B "H4'"  1 
ATOM   624 H "H3'"  . DC  B 2 8  ? 5.498   11.163  0.968   1.00 0.00 ? 20 DC  B "H3'"  1 
ATOM   625 H "H2'"  . DC  B 2 8  ? 5.181   9.569   -0.670  1.00 0.00 ? 20 DC  B "H2'"  1 
ATOM   626 H "H2''" . DC  B 2 8  ? 6.714   8.825   -0.071  1.00 0.00 ? 20 DC  B "H2''" 1 
ATOM   627 H "H1'"  . DC  B 2 8  ? 5.609   7.342   1.346   1.00 0.00 ? 20 DC  B "H1'"  1 
ATOM   628 H H41    . DC  B 2 8  ? 1.733   4.895   -3.400  1.00 0.00 ? 20 DC  B H41    1 
ATOM   629 H H42    . DC  B 2 8  ? 2.993   3.700   -3.014  1.00 0.00 ? 20 DC  B H42    1 
ATOM   630 H H5     . DC  B 2 8  ? 1.794   7.121   -2.502  1.00 0.00 ? 20 DC  B H5     1 
ATOM   631 H H6     . DC  B 2 8  ? 2.826   8.539   -0.804  1.00 0.00 ? 20 DC  B H6     1 
ATOM   632 P P      . DT  B 2 9  ? 8.322   10.731  1.515   1.00 0.00 ? 21 DT  B P      1 
ATOM   633 O OP1    . DT  B 2 9  ? 9.171   11.080  2.679   1.00 0.00 ? 21 DT  B OP1    1 
ATOM   634 O OP2    . DT  B 2 9  ? 8.028   11.778  0.504   1.00 0.00 ? 21 DT  B OP2    1 
ATOM   635 O "O5'"  . DT  B 2 9  ? 8.993   9.461   0.779   1.00 0.00 ? 21 DT  B "O5'"  1 
ATOM   636 C "C5'"  . DT  B 2 9  ? 9.369   8.277   1.485   1.00 0.00 ? 21 DT  B "C5'"  1 
ATOM   637 C "C4'"  . DT  B 2 9  ? 9.700   7.118   0.527   1.00 0.00 ? 21 DT  B "C4'"  1 
ATOM   638 O "O4'"  . DT  B 2 9  ? 8.546   6.765   -0.228  1.00 0.00 ? 21 DT  B "O4'"  1 
ATOM   639 C "C3'"  . DT  B 2 9  ? 10.821  7.472   -0.485  1.00 0.00 ? 21 DT  B "C3'"  1 
ATOM   640 O "O3'"  . DT  B 2 9  ? 11.845  6.481   -0.360  1.00 0.00 ? 21 DT  B "O3'"  1 
ATOM   641 C "C2'"  . DT  B 2 9  ? 10.091  7.447   -1.833  1.00 0.00 ? 21 DT  B "C2'"  1 
ATOM   642 C "C1'"  . DT  B 2 9  ? 8.970   6.463   -1.538  1.00 0.00 ? 21 DT  B "C1'"  1 
ATOM   643 N N1     . DT  B 2 9  ? 7.806   6.520   -2.460  1.00 0.00 ? 21 DT  B N1     1 
ATOM   644 C C2     . DT  B 2 9  ? 7.418   5.350   -3.134  1.00 0.00 ? 21 DT  B C2     1 
ATOM   645 O O2     . DT  B 2 9  ? 7.973   4.261   -3.017  1.00 0.00 ? 21 DT  B O2     1 
ATOM   646 N N3     . DT  B 2 9  ? 6.330   5.454   -3.969  1.00 0.00 ? 21 DT  B N3     1 
ATOM   647 C C4     . DT  B 2 9  ? 5.613   6.596   -4.244  1.00 0.00 ? 21 DT  B C4     1 
ATOM   648 O O4     . DT  B 2 9  ? 4.664   6.511   -5.012  1.00 0.00 ? 21 DT  B O4     1 
ATOM   649 C C5     . DT  B 2 9  ? 6.092   7.784   -3.585  1.00 0.00 ? 21 DT  B C5     1 
ATOM   650 C C7     . DT  B 2 9  ? 5.425   9.131   -3.822  1.00 0.00 ? 21 DT  B C7     1 
ATOM   651 C C6     . DT  B 2 9  ? 7.149   7.715   -2.725  1.00 0.00 ? 21 DT  B C6     1 
ATOM   652 H "H5'"  . DT  B 2 9  ? 8.560   7.933   2.129   1.00 0.00 ? 21 DT  B "H5'"  1 
ATOM   653 H "H5''" . DT  B 2 9  ? 10.247  8.487   2.094   1.00 0.00 ? 21 DT  B "H5''" 1 
ATOM   654 H "H4'"  . DT  B 2 9  ? 10.015  6.244   1.097   1.00 0.00 ? 21 DT  B "H4'"  1 
ATOM   655 H "H3'"  . DT  B 2 9  ? 11.208  8.469   -0.275  1.00 0.00 ? 21 DT  B "H3'"  1 
ATOM   656 H "H2'"  . DT  B 2 9  ? 9.699   8.440   -2.050  1.00 0.00 ? 21 DT  B "H2'"  1 
ATOM   657 H "H2''" . DT  B 2 9  ? 10.703  7.090   -2.661  1.00 0.00 ? 21 DT  B "H2''" 1 
ATOM   658 H "H1'"  . DT  B 2 9  ? 9.391   5.458   -1.555  1.00 0.00 ? 21 DT  B "H1'"  1 
ATOM   659 H H3     . DT  B 2 9  ? 6.008   4.600   -4.401  1.00 0.00 ? 21 DT  B H3     1 
ATOM   660 H H71    . DT  B 2 9  ? 4.385   9.059   -3.502  1.00 0.00 ? 21 DT  B H71    1 
ATOM   661 H H72    . DT  B 2 9  ? 5.926   9.920   -3.262  1.00 0.00 ? 21 DT  B H72    1 
ATOM   662 H H73    . DT  B 2 9  ? 5.470   9.382   -4.882  1.00 0.00 ? 21 DT  B H73    1 
ATOM   663 H H6     . DT  B 2 9  ? 7.498   8.610   -2.232  1.00 0.00 ? 21 DT  B H6     1 
ATOM   664 P P      . DA  B 2 10 ? 13.255  6.573   -1.168  1.00 0.00 ? 22 DA  B P      1 
ATOM   665 O OP1    . DA  B 2 10 ? 14.238  5.733   -0.445  1.00 0.00 ? 22 DA  B OP1    1 
ATOM   666 O OP2    . DA  B 2 10 ? 13.583  7.995   -1.421  1.00 0.00 ? 22 DA  B OP2    1 
ATOM   667 O "O5'"  . DA  B 2 10 ? 12.958  5.858   -2.583  1.00 0.00 ? 22 DA  B "O5'"  1 
ATOM   668 C "C5'"  . DA  B 2 10 ? 12.692  4.459   -2.659  1.00 0.00 ? 22 DA  B "C5'"  1 
ATOM   669 C "C4'"  . DA  B 2 10 ? 12.362  3.992   -4.087  1.00 0.00 ? 22 DA  B "C4'"  1 
ATOM   670 O "O4'"  . DA  B 2 10 ? 11.039  4.273   -4.454  1.00 0.00 ? 22 DA  B "O4'"  1 
ATOM   671 C "C3'"  . DA  B 2 10 ? 13.275  4.565   -5.170  1.00 0.00 ? 22 DA  B "C3'"  1 
ATOM   672 O "O3'"  . DA  B 2 10 ? 14.251  3.590   -5.548  1.00 0.00 ? 22 DA  B "O3'"  1 
ATOM   673 C "C2'"  . DA  B 2 10 ? 12.280  4.947   -6.286  1.00 0.00 ? 22 DA  B "C2'"  1 
ATOM   674 C "C1'"  . DA  B 2 10 ? 10.996  4.244   -5.871  1.00 0.00 ? 22 DA  B "C1'"  1 
ATOM   675 N N9     . DA  B 2 10 ? 9.744   4.877   -6.360  1.00 0.00 ? 22 DA  B N9     1 
ATOM   676 C C8     . DA  B 2 10 ? 9.271   6.127   -6.104  1.00 0.00 ? 22 DA  B C8     1 
ATOM   677 N N7     . DA  B 2 10 ? 8.104   6.391   -6.639  1.00 0.00 ? 22 DA  B N7     1 
ATOM   678 C C5     . DA  B 2 10 ? 7.801   5.202   -7.322  1.00 0.00 ? 22 DA  B C5     1 
ATOM   679 C C6     . DA  B 2 10 ? 6.701   4.722   -8.057  1.00 0.00 ? 22 DA  B C6     1 
ATOM   680 N N6     . DA  B 2 10 ? 5.581   5.390   -8.274  1.00 0.00 ? 22 DA  B N6     1 
ATOM   681 N N1     . DA  B 2 10 ? 6.708   3.502   -8.599  1.00 0.00 ? 22 DA  B N1     1 
ATOM   682 C C2     . DA  B 2 10 ? 7.761   2.722   -8.403  1.00 0.00 ? 22 DA  B C2     1 
ATOM   683 N N3     . DA  B 2 10 ? 8.850   3.020   -7.698  1.00 0.00 ? 22 DA  B N3     1 
ATOM   684 C C4     . DA  B 2 10 ? 8.800   4.269   -7.149  1.00 0.00 ? 22 DA  B C4     1 
ATOM   685 H "H5'"  . DA  B 2 10 ? 11.860  4.213   -1.997  1.00 0.00 ? 22 DA  B "H5'"  1 
ATOM   686 H "H5''" . DA  B 2 10 ? 13.562  3.899   -2.316  1.00 0.00 ? 22 DA  B "H5''" 1 
ATOM   687 H "H4'"  . DA  B 2 10 ? 12.461  2.908   -4.108  1.00 0.00 ? 22 DA  B "H4'"  1 
ATOM   688 H "H3'"  . DA  B 2 10 ? 13.781  5.453   -4.795  1.00 0.00 ? 22 DA  B "H3'"  1 
ATOM   689 H "H2'"  . DA  B 2 10 ? 12.132  6.026   -6.285  1.00 0.00 ? 22 DA  B "H2'"  1 
ATOM   690 H "H2''" . DA  B 2 10 ? 12.603  4.607   -7.271  1.00 0.00 ? 22 DA  B "H2''" 1 
ATOM   691 H "H1'"  . DA  B 2 10 ? 11.022  3.226   -6.257  1.00 0.00 ? 22 DA  B "H1'"  1 
ATOM   692 H H8     . DA  B 2 10 ? 9.844   6.843   -5.534  1.00 0.00 ? 22 DA  B H8     1 
ATOM   693 H H61    . DA  B 2 10 ? 5.479   6.327   -7.910  1.00 0.00 ? 22 DA  B H61    1 
ATOM   694 H H62    . DA  B 2 10 ? 4.789   4.897   -8.663  1.00 0.00 ? 22 DA  B H62    1 
ATOM   695 H H2     . DA  B 2 10 ? 7.733   1.743   -8.858  1.00 0.00 ? 22 DA  B H2     1 
ATOM   696 P P      . DG  B 2 11 ? 15.412  3.869   -6.642  1.00 0.00 ? 23 DG  B P      1 
ATOM   697 O OP1    . DG  B 2 11 ? 16.554  2.968   -6.319  1.00 0.00 ? 23 DG  B OP1    1 
ATOM   698 O OP2    . DG  B 2 11 ? 15.640  5.335   -6.752  1.00 0.00 ? 23 DG  B OP2    1 
ATOM   699 O "O5'"  . DG  B 2 11 ? 14.665  3.357   -7.986  1.00 0.00 ? 23 DG  B "O5'"  1 
ATOM   700 C "C5'"  . DG  B 2 11 ? 14.289  1.994   -8.131  1.00 0.00 ? 23 DG  B "C5'"  1 
ATOM   701 C "C4'"  . DG  B 2 11 ? 13.537  1.754   -9.449  1.00 0.00 ? 23 DG  B "C4'"  1 
ATOM   702 O "O4'"  . DG  B 2 11 ? 12.233  2.343   -9.431  1.00 0.00 ? 23 DG  B "O4'"  1 
ATOM   703 C "C3'"  . DG  B 2 11 ? 14.290  2.237   -10.686 1.00 0.00 ? 23 DG  B "C3'"  1 
ATOM   704 O "O3'"  . DG  B 2 11 ? 14.486  1.139   -11.568 1.00 0.00 ? 23 DG  B "O3'"  1 
ATOM   705 C "C2'"  . DG  B 2 11 ? 13.325  3.292   -11.261 1.00 0.00 ? 23 DG  B "C2'"  1 
ATOM   706 C "C1'"  . DG  B 2 11 ? 11.959  2.843   -10.721 1.00 0.00 ? 23 DG  B "C1'"  1 
ATOM   707 N N9     . DG  B 2 11 ? 10.936  3.905   -10.600 1.00 0.00 ? 23 DG  B N9     1 
ATOM   708 C C8     . DG  B 2 11 ? 11.030  5.123   -9.995  1.00 0.00 ? 23 DG  B C8     1 
ATOM   709 N N7     . DG  B 2 11 ? 9.957   5.881   -10.116 1.00 0.00 ? 23 DG  B N7     1 
ATOM   710 C C5     . DG  B 2 11 ? 9.078   5.084   -10.831 1.00 0.00 ? 23 DG  B C5     1 
ATOM   711 C C6     . DG  B 2 11 ? 7.717   5.285   -11.233 1.00 0.00 ? 23 DG  B C6     1 
ATOM   712 O O6     . DG  B 2 11 ? 6.986   6.255   -11.056 1.00 0.00 ? 23 DG  B O6     1 
ATOM   713 N N1     . DG  B 2 11 ? 7.167   4.232   -11.932 1.00 0.00 ? 23 DG  B N1     1 
ATOM   714 C C2     . DG  B 2 11 ? 7.845   3.107   -12.243 1.00 0.00 ? 23 DG  B C2     1 
ATOM   715 N N2     . DG  B 2 11 ? 7.232   2.211   -12.972 1.00 0.00 ? 23 DG  B N2     1 
ATOM   716 N N3     . DG  B 2 11 ? 9.110   2.857   -11.888 1.00 0.00 ? 23 DG  B N3     1 
ATOM   717 C C4     . DG  B 2 11 ? 9.665   3.879   -11.151 1.00 0.00 ? 23 DG  B C4     1 
ATOM   718 H "H5'"  . DG  B 2 11 ? 13.633  1.704   -7.311  1.00 0.00 ? 23 DG  B "H5'"  1 
ATOM   719 H "H5''" . DG  B 2 11 ? 15.188  1.376   -8.112  1.00 0.00 ? 23 DG  B "H5''" 1 
ATOM   720 H "H4'"  . DG  B 2 11 ? 13.396  0.679   -9.560  1.00 0.00 ? 23 DG  B "H4'"  1 
ATOM   721 H "H3'"  . DG  B 2 11 ? 15.254  2.683   -10.440 1.00 0.00 ? 23 DG  B "H3'"  1 
ATOM   722 H "H2'"  . DG  B 2 11 ? 13.612  4.255   -10.839 1.00 0.00 ? 23 DG  B "H2'"  1 
ATOM   723 H "H2''" . DG  B 2 11 ? 13.312  3.343   -12.350 1.00 0.00 ? 23 DG  B "H2''" 1 
ATOM   724 H "H1'"  . DG  B 2 11 ? 11.558  2.046   -11.347 1.00 0.00 ? 23 DG  B "H1'"  1 
ATOM   725 H H8     . DG  B 2 11 ? 11.922  5.410   -9.458  1.00 0.00 ? 23 DG  B H8     1 
ATOM   726 H H1     . DG  B 2 11 ? 6.192   4.309   -12.183 1.00 0.00 ? 23 DG  B H1     1 
ATOM   727 H H21    . DG  B 2 11 ? 7.750   1.388   -13.242 1.00 0.00 ? 23 DG  B H21    1 
ATOM   728 H H22    . DG  B 2 11 ? 6.249   2.302   -13.187 1.00 0.00 ? 23 DG  B H22    1 
ATOM   729 P P      . DC  B 2 12 ? 15.416  1.228   -12.884 1.00 0.00 ? 24 DC  B P      1 
ATOM   730 O OP1    . DC  B 2 12 ? 16.096  -0.079  -13.083 1.00 0.00 ? 24 DC  B OP1    1 
ATOM   731 O OP2    . DC  B 2 12 ? 16.233  2.460   -12.835 1.00 0.00 ? 24 DC  B OP2    1 
ATOM   732 O "O5'"  . DC  B 2 12 ? 14.359  1.412   -14.048 1.00 0.00 ? 24 DC  B "O5'"  1 
ATOM   733 C "C5'"  . DC  B 2 12 ? 13.505  0.333   -14.473 1.00 0.00 ? 24 DC  B "C5'"  1 
ATOM   734 C "C4'"  . DC  B 2 12 ? 12.381  0.782   -15.426 1.00 0.00 ? 24 DC  B "C4'"  1 
ATOM   735 O "O4'"  . DC  B 2 12 ? 11.527  1.688   -14.756 1.00 0.00 ? 24 DC  B "O4'"  1 
ATOM   736 C "C3'"  . DC  B 2 12 ? 12.895  1.503   -16.678 1.00 0.00 ? 24 DC  B "C3'"  1 
ATOM   737 O "O3'"  . DC  B 2 12 ? 12.888  0.647   -17.825 1.00 0.00 ? 24 DC  B "O3'"  1 
ATOM   738 C "C2'"  . DC  B 2 12 ? 11.903  2.659   -16.868 1.00 0.00 ? 24 DC  B "C2'"  1 
ATOM   739 C "C1'"  . DC  B 2 12 ? 10.887  2.484   -15.732 1.00 0.00 ? 24 DC  B "C1'"  1 
ATOM   740 N N1     . DC  B 2 12 ? 10.523  3.778   -15.071 1.00 0.00 ? 24 DC  B N1     1 
ATOM   741 C C2     . DC  B 2 12 ? 9.216   4.295   -15.211 1.00 0.00 ? 24 DC  B C2     1 
ATOM   742 O O2     . DC  B 2 12 ? 8.364   3.704   -15.875 1.00 0.00 ? 24 DC  B O2     1 
ATOM   743 N N3     . DC  B 2 12 ? 8.868   5.483   -14.643 1.00 0.00 ? 24 DC  B N3     1 
ATOM   744 C C4     . DC  B 2 12 ? 9.790   6.139   -13.964 1.00 0.00 ? 24 DC  B C4     1 
ATOM   745 N N4     . DC  B 2 12 ? 9.391   7.293   -13.503 1.00 0.00 ? 24 DC  B N4     1 
ATOM   746 C C5     . DC  B 2 12 ? 11.132  5.686   -13.786 1.00 0.00 ? 24 DC  B C5     1 
ATOM   747 C C6     . DC  B 2 12 ? 11.461  4.496   -14.345 1.00 0.00 ? 24 DC  B C6     1 
ATOM   748 H "H5'"  . DC  B 2 12 ? 13.063  -0.141  -13.596 1.00 0.00 ? 24 DC  B "H5'"  1 
ATOM   749 H "H5''" . DC  B 2 12 ? 14.105  -0.401  -15.012 1.00 0.00 ? 24 DC  B "H5''" 1 
ATOM   750 H "H4'"  . DC  B 2 12 ? 11.809  -0.093  -15.735 1.00 0.00 ? 24 DC  B "H4'"  1 
ATOM   751 H "H3'"  . DC  B 2 12 ? 13.899  1.893   -16.509 1.00 0.00 ? 24 DC  B "H3'"  1 
ATOM   752 H "HO3'" . DC  B 2 12 ? 13.301  1.109   -18.559 1.00 0.00 ? 24 DC  B "HO3'" 1 
ATOM   753 H "H2'"  . DC  B 2 12 ? 12.464  3.589   -16.780 1.00 0.00 ? 24 DC  B "H2'"  1 
ATOM   754 H "H2''" . DC  B 2 12 ? 11.424  2.618   -17.846 1.00 0.00 ? 24 DC  B "H2''" 1 
ATOM   755 H "H1'"  . DC  B 2 12 ? 9.997   1.978   -16.106 1.00 0.00 ? 24 DC  B "H1'"  1 
ATOM   756 H H41    . DC  B 2 12 ? 10.015  7.853   -12.940 1.00 0.00 ? 24 DC  B H41    1 
ATOM   757 H H42    . DC  B 2 12 ? 8.432   7.571   -13.660 1.00 0.00 ? 24 DC  B H42    1 
ATOM   758 H H5     . DC  B 2 12 ? 11.860  6.210   -13.185 1.00 0.00 ? 24 DC  B H5     1 
ATOM   759 H H6     . DC  B 2 12 ? 12.457  4.092   -14.238 1.00 0.00 ? 24 DC  B H6     1 
HETATM 760 C C1     . 2LE C 3 .  ? 2.128   8.779   6.260   1.00 0.00 ? 25 2LE A C1     1 
HETATM 761 O O1     . 2LE C 3 .  ? 3.415   8.959   6.831   1.00 0.00 ? 25 2LE A O1     1 
HETATM 762 C C2     . 2LE C 3 .  ? 2.090   7.643   5.260   1.00 0.00 ? 25 2LE A C2     1 
HETATM 763 C C3     . 2LE C 3 .  ? 1.807   6.434   6.114   1.00 0.00 ? 25 2LE A C3     1 
HETATM 764 C C4     . 2LE C 3 .  ? 0.972   7.035   7.255   1.00 0.00 ? 25 2LE A C4     1 
HETATM 765 O O4     . 2LE C 3 .  ? 1.398   8.374   7.406   1.00 0.00 ? 25 2LE A O4     1 
HETATM 766 C C5     . 2LE C 3 .  ? -0.568  7.007   7.092   1.00 0.00 ? 25 2LE A C5     1 
HETATM 767 C C6     . 2LE C 3 .  ? -1.205  5.777   7.712   1.00 0.00 ? 25 2LE A C6     1 
HETATM 768 C C7     . 2LE C 3 .  ? -2.707  5.972   8.010   1.00 0.00 ? 25 2LE A C7     1 
HETATM 769 C C8     . 2LE C 3 .  ? -3.558  6.513   6.863   1.00 0.00 ? 25 2LE A C8     1 
HETATM 770 C C9     . 2LE C 3 .  ? -3.548  8.040   6.703   1.00 0.00 ? 25 2LE A C9     1 
HETATM 771 H H1     . 2LE C 3 .  ? 1.741   9.713   5.852   1.00 0.00 ? 25 2LE A H1     1 
HETATM 772 H H12    . 2LE C 3 .  ? 3.034   7.530   4.727   1.00 0.00 ? 25 2LE A H12    1 
HETATM 773 H H22    . 2LE C 3 .  ? 1.294   7.803   4.532   1.00 0.00 ? 25 2LE A H22    1 
HETATM 774 H H3     . 2LE C 3 .  ? 2.753   6.114   6.552   1.00 0.00 ? 25 2LE A H3     1 
HETATM 775 H H4     . 2LE C 3 .  ? 1.249   6.542   8.188   1.00 0.00 ? 25 2LE A H4     1 
HETATM 776 H H15    . 2LE C 3 .  ? -0.842  7.010   6.038   1.00 0.00 ? 25 2LE A H15    1 
HETATM 777 H H25    . 2LE C 3 .  ? -1.002  7.863   7.609   1.00 0.00 ? 25 2LE A H25    1 
HETATM 778 H H16    . 2LE C 3 .  ? -1.036  4.947   7.026   1.00 0.00 ? 25 2LE A H16    1 
HETATM 779 H H26    . 2LE C 3 .  ? -0.716  5.532   8.654   1.00 0.00 ? 25 2LE A H26    1 
HETATM 780 H H17    . 2LE C 3 .  ? -2.819  6.592   8.900   1.00 0.00 ? 25 2LE A H17    1 
HETATM 781 H H27    . 2LE C 3 .  ? -3.100  4.991   8.277   1.00 0.00 ? 25 2LE A H27    1 
HETATM 782 H H18    . 2LE C 3 .  ? -3.228  6.050   5.934   1.00 0.00 ? 25 2LE A H18    1 
HETATM 783 H H28    . 2LE C 3 .  ? -4.591  6.233   7.068   1.00 0.00 ? 25 2LE A H28    1 
HETATM 784 H H19    . 2LE C 3 .  ? -3.644  8.500   7.687   1.00 0.00 ? 25 2LE A H19    1 
HETATM 785 H H29    . 2LE C 3 .  ? -2.603  8.358   6.265   1.00 0.00 ? 25 2LE A H29    1 
HETATM 786 H H39    . 2LE C 3 .  ? -4.388  8.327   6.069   1.00 0.00 ? 25 2LE A H39    1 
HETATM 787 H HO1    . 2LE C 3 .  ? 3.268   9.425   7.658   1.00 0.00 ? 25 2LE A HO1    1 
# 
